data_8PC2
#
_entry.id   8PC2
#
_cell.length_a   138.646
_cell.length_b   68.425
_cell.length_c   159.256
_cell.angle_alpha   90.000
_cell.angle_beta   114.453
_cell.angle_gamma   90.000
#
_symmetry.space_group_name_H-M   'I 1 2 1'
#
loop_
_entity.id
_entity.type
_entity.pdbx_description
1 polymer 'von Hippel-Lindau disease tumor suppressor'
2 polymer Elongin-C
3 polymer Elongin-B
4 polymer 'Peptidyl-prolyl cis-trans isomerase FKBP5'
5 non-polymer '[(1~{R})-3-(3,4-dimethoxyphenyl)-1-[4-[[1-[3-[2-[[[(2~{S},4~{R})-1-[(2~{S})-2-[(1-fluoranylcyclopropyl)carbonylamino]-3,3-dimethyl-butanoyl]-4-oxidanyl-pyrrolidin-2-yl]carbonylamino]methyl]-5-(4-methyl-1,3-thiazol-5-yl)phenoxy]propyl]-1,2,3-triazol-4-yl]methoxy]phenyl]propyl] (2~{S})-1-[(2~{S})-2-cyclohexyl-2-(3,4,5-trimethoxyphenyl)ethanoyl]piperidine-2-carboxylate'
6 water water
#
loop_
_entity_poly.entity_id
_entity_poly.type
_entity_poly.pdbx_seq_one_letter_code
_entity_poly.pdbx_strand_id
1 'polypeptide(L)'
;GSMEAGRPRPVLRSVNSREPSQVIFCNRSPRVVLPVWLNFDGEPQPYPTLPPGTGRRIHSYRGHLWLFRDAGTHDGLLVN
QTELFVPSLNVDGQPIFANITLPVYTLKERCLQVVRSLVKPENYRRLDIVRSLYEDLEDHPNVQKDLERLTQERIAHQRM
GD
;
B,A
2 'polypeptide(L)'
;MMYVKLISSDGHEFIVKREHALTSGTIKAMLSGPGQFAENETNEVNFREIPSHVLSKVCMYFTYKVRYTNSSTEIPEFPI
APEIALELLMAANFLDC
;
C,E
3 'polypeptide(L)'
;MDVFLMIRRHKTTIFTDAKESSTVFELKRIVEGILKRPPDEQRLYKDDQLLDDGKTLGECGFTSQTARPQAPATVGLAFR
ADDTFEALCIEPFSSPPELPDVMK
;
D,F
4 'polypeptide(L)'
;GAPATVTEQGEDITSKKDRGVLKIVKRVGNGEETPMIGDKVYVHYKGKLSNGKKFDSSHDRNEPFVFSLGKGQVIKAWDI
GVATMKKGEIAHLLIKPEYAYGSAGSLPKIPSNATLFFEIELLDFKGE
;
G,H
#
# COMPACT_ATOMS: atom_id res chain seq x y z
N PRO A 10 -24.89 6.06 -22.41
CA PRO A 10 -24.58 5.32 -21.16
C PRO A 10 -23.67 6.16 -20.26
N VAL A 11 -24.18 6.55 -19.10
CA VAL A 11 -23.53 7.60 -18.34
C VAL A 11 -22.12 7.14 -17.95
N LEU A 12 -21.99 5.96 -17.31
CA LEU A 12 -20.68 5.50 -16.83
C LEU A 12 -19.93 4.77 -17.93
N ARG A 13 -19.00 5.45 -18.59
CA ARG A 13 -18.19 4.73 -19.55
C ARG A 13 -16.80 5.35 -19.71
N SER A 14 -15.88 4.55 -20.24
CA SER A 14 -14.57 5.04 -20.61
C SER A 14 -14.69 6.04 -21.75
N VAL A 15 -13.86 7.09 -21.72
CA VAL A 15 -13.67 8.00 -22.84
C VAL A 15 -12.50 7.53 -23.67
N ASN A 16 -12.59 7.66 -24.99
CA ASN A 16 -11.49 7.21 -25.82
C ASN A 16 -10.45 8.32 -25.94
N SER A 17 -9.71 8.58 -24.85
CA SER A 17 -8.80 9.72 -24.77
C SER A 17 -7.56 9.52 -25.61
N ARG A 18 -7.11 8.27 -25.79
CA ARG A 18 -5.85 7.99 -26.46
C ARG A 18 -4.68 8.69 -25.78
N GLU A 19 -4.81 8.96 -24.49
CA GLU A 19 -3.77 9.57 -23.68
C GLU A 19 -3.29 8.58 -22.62
N PRO A 20 -2.14 7.91 -22.87
CA PRO A 20 -1.66 6.85 -22.00
C PRO A 20 -1.42 7.38 -20.58
N SER A 21 -1.55 6.46 -19.62
CA SER A 21 -1.50 6.76 -18.21
C SER A 21 -1.02 5.51 -17.49
N GLN A 22 0.12 5.58 -16.78
CA GLN A 22 0.69 4.40 -16.15
C GLN A 22 0.10 4.27 -14.75
N VAL A 23 -0.55 3.14 -14.51
CA VAL A 23 -1.21 2.88 -13.24
C VAL A 23 -0.50 1.72 -12.53
N ILE A 24 -0.47 1.80 -11.20
CA ILE A 24 -0.05 0.68 -10.37
C ILE A 24 -1.26 0.10 -9.66
N PHE A 25 -1.65 -1.11 -10.05
CA PHE A 25 -2.64 -1.88 -9.32
C PHE A 25 -1.93 -2.59 -8.16
N CYS A 26 -2.41 -2.28 -6.95
CA CYS A 26 -1.88 -2.80 -5.70
C CYS A 26 -3.01 -3.44 -4.92
N ASN A 27 -2.93 -4.76 -4.76
CA ASN A 27 -4.00 -5.53 -4.13
C ASN A 27 -3.66 -5.70 -2.67
N ARG A 28 -4.20 -4.81 -1.85
CA ARG A 28 -4.00 -4.87 -0.40
C ARG A 28 -5.31 -5.36 0.22
N SER A 29 -5.84 -6.41 -0.37
CA SER A 29 -6.98 -7.17 0.13
C SER A 29 -6.53 -8.63 0.28
N PRO A 30 -7.24 -9.42 1.10
CA PRO A 30 -6.94 -10.84 1.17
C PRO A 30 -7.58 -11.64 0.04
N ARG A 31 -8.44 -10.99 -0.76
CA ARG A 31 -9.14 -11.68 -1.85
C ARG A 31 -8.26 -11.71 -3.10
N VAL A 32 -8.55 -12.64 -4.00
CA VAL A 32 -8.14 -12.52 -5.39
C VAL A 32 -9.02 -11.47 -6.05
N VAL A 33 -8.40 -10.47 -6.67
CA VAL A 33 -9.14 -9.33 -7.18
C VAL A 33 -9.29 -9.42 -8.71
N LEU A 34 -10.54 -9.22 -9.17
CA LEU A 34 -10.84 -9.06 -10.59
C LEU A 34 -10.98 -7.57 -10.90
N PRO A 35 -10.07 -7.00 -11.71
CA PRO A 35 -10.20 -5.65 -12.22
C PRO A 35 -11.17 -5.68 -13.40
N VAL A 36 -12.08 -4.72 -13.38
CA VAL A 36 -13.15 -4.66 -14.34
C VAL A 36 -13.06 -3.33 -15.05
N TRP A 37 -12.88 -3.38 -16.38
CA TRP A 37 -12.75 -2.19 -17.21
C TRP A 37 -14.08 -1.89 -17.90
N LEU A 38 -14.70 -0.75 -17.61
CA LEU A 38 -15.86 -0.35 -18.39
C LEU A 38 -15.39 0.22 -19.74
N ASN A 39 -15.93 -0.32 -20.84
CA ASN A 39 -15.45 0.06 -22.16
C ASN A 39 -16.21 1.29 -22.65
N PHE A 40 -16.16 1.55 -23.97
CA PHE A 40 -16.57 2.85 -24.46
C PHE A 40 -18.10 2.91 -24.52
N ASP A 41 -18.76 1.73 -24.41
CA ASP A 41 -20.21 1.63 -24.36
C ASP A 41 -20.67 1.38 -22.92
N GLY A 42 -19.73 1.42 -21.98
CA GLY A 42 -20.04 1.30 -20.57
C GLY A 42 -20.27 -0.14 -20.14
N GLU A 43 -19.87 -1.08 -21.00
CA GLU A 43 -20.11 -2.49 -20.79
C GLU A 43 -18.88 -3.10 -20.13
N PRO A 44 -19.01 -3.76 -18.95
CA PRO A 44 -17.85 -4.25 -18.21
C PRO A 44 -17.05 -5.37 -18.86
N GLN A 45 -15.73 -5.29 -18.77
CA GLN A 45 -14.80 -6.25 -19.35
C GLN A 45 -13.87 -6.76 -18.28
N PRO A 46 -13.70 -8.10 -18.12
CA PRO A 46 -12.80 -8.63 -17.09
C PRO A 46 -11.36 -8.53 -17.56
N TYR A 47 -10.45 -8.30 -16.61
CA TYR A 47 -9.02 -8.23 -16.89
C TYR A 47 -8.32 -9.27 -16.01
N PRO A 48 -7.03 -9.61 -16.26
CA PRO A 48 -6.34 -10.61 -15.44
C PRO A 48 -6.44 -10.28 -13.96
N THR A 49 -6.49 -11.33 -13.13
CA THR A 49 -6.75 -11.16 -11.71
C THR A 49 -5.44 -10.94 -10.98
N LEU A 50 -5.57 -10.41 -9.76
CA LEU A 50 -4.43 -10.09 -8.93
C LEU A 50 -4.48 -10.93 -7.65
N PRO A 51 -3.45 -11.76 -7.39
CA PRO A 51 -3.33 -12.42 -6.08
C PRO A 51 -3.37 -11.42 -4.93
N PRO A 52 -3.74 -11.81 -3.70
CA PRO A 52 -3.59 -10.91 -2.57
C PRO A 52 -2.12 -10.51 -2.45
N GLY A 53 -1.92 -9.24 -2.10
CA GLY A 53 -0.58 -8.71 -1.84
C GLY A 53 0.16 -8.33 -3.09
N THR A 54 -0.44 -8.52 -4.25
CA THR A 54 0.30 -8.35 -5.49
C THR A 54 0.25 -6.89 -5.91
N GLY A 55 1.36 -6.44 -6.50
CA GLY A 55 1.38 -5.17 -7.20
C GLY A 55 1.95 -5.30 -8.61
N ARG A 56 1.36 -4.48 -9.52
CA ARG A 56 1.63 -4.49 -10.94
C ARG A 56 1.44 -3.12 -11.57
N ARG A 57 2.45 -2.68 -12.35
CA ARG A 57 2.31 -1.54 -13.25
C ARG A 57 1.51 -2.01 -14.46
N ILE A 58 0.40 -1.32 -14.77
CA ILE A 58 -0.45 -1.66 -15.91
C ILE A 58 -0.62 -0.47 -16.84
N HIS A 59 -0.96 -0.77 -18.11
CA HIS A 59 -1.13 0.24 -19.14
C HIS A 59 -2.61 0.63 -19.23
N SER A 60 -2.90 1.92 -19.10
CA SER A 60 -4.27 2.39 -19.24
C SER A 60 -4.24 3.81 -19.81
N TYR A 61 -5.36 4.55 -19.70
CA TYR A 61 -5.50 5.84 -20.36
C TYR A 61 -6.36 6.79 -19.53
N ARG A 62 -6.18 8.09 -19.77
CA ARG A 62 -6.96 9.10 -19.09
C ARG A 62 -8.44 8.87 -19.34
N GLY A 63 -9.24 8.91 -18.27
CA GLY A 63 -10.69 8.92 -18.39
C GLY A 63 -11.27 7.52 -18.60
N HIS A 64 -10.42 6.48 -18.47
CA HIS A 64 -10.85 5.09 -18.49
C HIS A 64 -11.36 4.67 -17.12
N LEU A 65 -12.63 4.23 -17.04
CA LEU A 65 -13.27 3.90 -15.76
C LEU A 65 -13.00 2.46 -15.37
N TRP A 66 -12.62 2.22 -14.10
CA TRP A 66 -12.49 0.86 -13.60
C TRP A 66 -13.26 0.69 -12.30
N LEU A 67 -13.61 -0.58 -12.00
CA LEU A 67 -13.87 -0.98 -10.62
C LEU A 67 -13.24 -2.35 -10.35
N PHE A 68 -13.22 -2.78 -9.08
CA PHE A 68 -12.49 -3.97 -8.70
C PHE A 68 -13.36 -4.87 -7.81
N ARG A 69 -13.27 -6.20 -8.05
CA ARG A 69 -14.13 -7.14 -7.35
C ARG A 69 -13.38 -8.42 -6.97
N ASP A 70 -13.97 -9.13 -6.00
CA ASP A 70 -13.58 -10.49 -5.68
C ASP A 70 -13.78 -11.35 -6.92
N ALA A 71 -12.71 -11.95 -7.40
CA ALA A 71 -12.72 -12.71 -8.65
C ALA A 71 -13.67 -13.91 -8.55
N GLY A 72 -14.00 -14.35 -7.34
CA GLY A 72 -14.86 -15.50 -7.13
C GLY A 72 -16.32 -15.09 -6.86
N THR A 73 -16.53 -14.18 -5.92
CA THR A 73 -17.85 -13.95 -5.36
C THR A 73 -18.45 -12.68 -5.95
N HIS A 74 -17.63 -11.88 -6.62
CA HIS A 74 -18.03 -10.58 -7.16
C HIS A 74 -18.42 -9.63 -6.04
N ASP A 75 -18.05 -9.93 -4.81
CA ASP A 75 -18.14 -8.94 -3.76
C ASP A 75 -17.40 -7.68 -4.21
N GLY A 76 -17.92 -6.53 -3.78
CA GLY A 76 -17.33 -5.26 -4.17
C GLY A 76 -16.13 -4.89 -3.28
N LEU A 77 -15.12 -4.29 -3.88
CA LEU A 77 -13.97 -3.83 -3.16
C LEU A 77 -13.87 -2.33 -3.34
N LEU A 78 -12.91 -1.70 -2.67
CA LEU A 78 -12.68 -0.29 -2.84
C LEU A 78 -11.36 -0.07 -3.56
N VAL A 79 -11.25 1.14 -4.11
CA VAL A 79 -9.99 1.57 -4.65
C VAL A 79 -9.82 3.05 -4.28
N ASN A 80 -8.79 3.33 -3.47
CA ASN A 80 -8.52 4.67 -2.96
C ASN A 80 -9.77 5.09 -2.21
N GLN A 81 -10.28 4.15 -1.43
CA GLN A 81 -11.40 4.33 -0.52
C GLN A 81 -12.66 4.76 -1.25
N THR A 82 -12.81 4.32 -2.48
CA THR A 82 -13.99 4.68 -3.25
C THR A 82 -14.28 3.56 -4.25
N GLU A 83 -15.44 3.64 -4.93
CA GLU A 83 -15.88 2.51 -5.74
C GLU A 83 -15.30 2.52 -7.15
N LEU A 84 -15.13 3.71 -7.76
CA LEU A 84 -14.60 3.82 -9.09
C LEU A 84 -13.20 4.44 -9.12
N PHE A 85 -12.42 4.01 -10.10
CA PHE A 85 -11.13 4.62 -10.36
C PHE A 85 -11.05 5.09 -11.81
N VAL A 86 -10.62 6.34 -11.97
CA VAL A 86 -10.46 7.00 -13.26
C VAL A 86 -9.13 7.77 -13.27
N PRO A 87 -8.11 7.27 -14.01
CA PRO A 87 -6.82 7.94 -14.14
C PRO A 87 -6.95 9.33 -14.73
N SER A 88 -6.45 10.32 -13.99
CA SER A 88 -6.21 11.67 -14.51
C SER A 88 -4.72 11.76 -14.84
N LEU A 89 -4.37 12.50 -15.92
CA LEU A 89 -2.97 12.73 -16.23
C LEU A 89 -2.41 13.64 -15.15
N ASN A 90 -1.20 13.36 -14.67
CA ASN A 90 -0.50 14.36 -13.87
C ASN A 90 0.65 14.84 -14.74
N VAL A 91 1.15 16.04 -14.39
CA VAL A 91 2.23 16.65 -15.15
C VAL A 91 3.49 15.84 -14.86
N ASP A 92 4.38 15.74 -15.86
CA ASP A 92 5.66 15.05 -15.72
C ASP A 92 5.46 13.54 -15.72
N GLY A 93 4.23 13.04 -15.85
CA GLY A 93 3.98 11.65 -16.23
C GLY A 93 4.08 10.65 -15.07
N GLN A 94 3.97 11.10 -13.83
CA GLN A 94 4.18 10.21 -12.71
C GLN A 94 3.11 9.12 -12.73
N PRO A 95 3.40 7.88 -12.30
CA PRO A 95 2.36 6.85 -12.22
C PRO A 95 1.22 7.22 -11.27
N ILE A 96 0.05 6.62 -11.51
CA ILE A 96 -1.15 6.77 -10.69
C ILE A 96 -1.29 5.49 -9.91
N PHE A 97 -1.46 5.59 -8.58
CA PHE A 97 -1.56 4.43 -7.74
C PHE A 97 -3.03 4.08 -7.53
N ALA A 98 -3.37 2.80 -7.71
CA ALA A 98 -4.70 2.32 -7.41
C ALA A 98 -4.64 1.37 -6.23
N ASN A 99 -5.03 1.87 -5.03
CA ASN A 99 -4.90 1.10 -3.81
C ASN A 99 -6.17 0.32 -3.50
N ILE A 100 -6.13 -1.01 -3.65
CA ILE A 100 -7.33 -1.82 -3.56
C ILE A 100 -7.44 -2.43 -2.18
N THR A 101 -8.60 -2.29 -1.53
CA THR A 101 -8.78 -2.79 -0.18
C THR A 101 -10.18 -3.39 0.00
N LEU A 102 -10.32 -4.22 1.04
CA LEU A 102 -11.64 -4.60 1.51
C LEU A 102 -12.27 -3.35 2.08
N PRO A 103 -13.58 -3.21 1.93
CA PRO A 103 -14.34 -2.33 2.79
C PRO A 103 -14.52 -2.99 4.15
N VAL A 104 -14.83 -2.14 5.14
CA VAL A 104 -15.41 -2.58 6.39
C VAL A 104 -16.85 -2.98 6.12
N TYR A 105 -17.08 -4.23 5.73
CA TYR A 105 -18.44 -4.74 5.58
C TYR A 105 -19.17 -4.66 6.90
N THR A 106 -20.49 -4.52 6.85
CA THR A 106 -21.32 -4.77 8.02
C THR A 106 -21.18 -6.23 8.41
N LEU A 107 -21.48 -6.52 9.66
CA LEU A 107 -21.39 -7.90 10.11
C LEU A 107 -22.37 -8.73 9.29
N LYS A 108 -23.59 -8.21 9.12
CA LYS A 108 -24.59 -8.95 8.37
C LYS A 108 -24.05 -9.30 6.99
N GLU A 109 -23.51 -8.31 6.27
CA GLU A 109 -23.04 -8.59 4.93
C GLU A 109 -21.91 -9.59 4.98
N ARG A 110 -21.12 -9.55 6.05
CA ARG A 110 -19.99 -10.43 6.11
C ARG A 110 -20.48 -11.86 6.31
N CYS A 111 -21.49 -12.01 7.18
CA CYS A 111 -22.06 -13.32 7.46
C CYS A 111 -22.66 -13.90 6.18
N LEU A 112 -23.34 -13.04 5.40
CA LEU A 112 -23.91 -13.48 4.14
C LEU A 112 -22.80 -13.95 3.23
N GLN A 113 -21.64 -13.29 3.28
CA GLN A 113 -20.55 -13.68 2.39
C GLN A 113 -20.12 -15.09 2.67
N VAL A 114 -20.11 -15.47 3.96
CA VAL A 114 -19.49 -16.72 4.39
C VAL A 114 -20.44 -17.89 4.16
N VAL A 115 -21.73 -17.67 4.48
CA VAL A 115 -22.77 -18.67 4.27
C VAL A 115 -22.86 -19.00 2.78
N ARG A 116 -22.70 -17.98 1.92
CA ARG A 116 -22.77 -18.17 0.48
C ARG A 116 -21.63 -19.08 0.00
N SER A 117 -20.44 -18.89 0.59
CA SER A 117 -19.28 -19.70 0.29
C SER A 117 -19.42 -21.12 0.85
N LEU A 118 -20.31 -21.32 1.82
CA LEU A 118 -20.46 -22.61 2.45
C LEU A 118 -21.70 -23.38 1.95
N VAL A 119 -22.71 -22.68 1.45
CA VAL A 119 -23.94 -23.34 1.06
C VAL A 119 -24.14 -23.15 -0.45
N LYS A 120 -24.46 -24.26 -1.11
CA LYS A 120 -24.79 -24.21 -2.51
C LYS A 120 -26.11 -23.46 -2.64
N PRO A 121 -26.32 -22.64 -3.71
CA PRO A 121 -27.48 -21.74 -3.77
C PRO A 121 -28.85 -22.42 -3.89
N GLU A 122 -28.90 -23.66 -4.37
CA GLU A 122 -30.15 -24.41 -4.36
C GLU A 122 -30.54 -24.81 -2.94
N ASN A 123 -29.66 -24.58 -1.95
CA ASN A 123 -29.87 -25.13 -0.62
C ASN A 123 -30.13 -24.01 0.38
N TYR A 124 -30.05 -22.75 -0.04
CA TYR A 124 -30.48 -21.68 0.83
C TYR A 124 -31.87 -21.98 1.37
N ARG A 125 -32.74 -22.57 0.53
CA ARG A 125 -34.12 -22.82 0.94
C ARG A 125 -34.23 -23.84 2.06
N ARG A 126 -33.15 -24.61 2.27
CA ARG A 126 -33.13 -25.68 3.25
C ARG A 126 -32.51 -25.18 4.56
N LEU A 127 -32.15 -23.90 4.65
CA LEU A 127 -31.60 -23.34 5.88
C LEU A 127 -32.77 -22.96 6.77
N ASP A 128 -32.57 -23.04 8.09
CA ASP A 128 -33.63 -22.79 9.03
C ASP A 128 -33.58 -21.33 9.48
N ILE A 129 -33.98 -20.41 8.60
CA ILE A 129 -33.81 -18.99 8.86
C ILE A 129 -35.08 -18.25 8.46
N VAL A 130 -35.27 -17.05 9.00
CA VAL A 130 -36.35 -16.16 8.60
C VAL A 130 -36.27 -15.94 7.08
N ARG A 131 -37.42 -15.73 6.44
CA ARG A 131 -37.50 -15.68 4.98
C ARG A 131 -36.65 -14.53 4.43
N SER A 132 -36.66 -13.40 5.15
CA SER A 132 -35.93 -12.21 4.77
C SER A 132 -34.45 -12.54 4.52
N LEU A 133 -33.86 -13.47 5.28
CA LEU A 133 -32.44 -13.80 5.15
C LEU A 133 -32.18 -14.70 3.94
N TYR A 134 -33.14 -15.55 3.59
CA TYR A 134 -33.08 -16.35 2.37
C TYR A 134 -32.98 -15.37 1.20
N GLU A 135 -33.82 -14.33 1.24
CA GLU A 135 -33.83 -13.30 0.21
C GLU A 135 -32.43 -12.70 0.13
N ASP A 136 -31.92 -12.28 1.30
CA ASP A 136 -30.67 -11.54 1.46
C ASP A 136 -29.51 -12.38 0.92
N LEU A 137 -29.49 -13.68 1.28
CA LEU A 137 -28.54 -14.63 0.74
C LEU A 137 -28.58 -14.63 -0.80
N GLU A 138 -29.81 -14.73 -1.36
CA GLU A 138 -29.96 -14.83 -2.81
C GLU A 138 -29.66 -13.52 -3.53
N ASP A 139 -29.70 -12.39 -2.84
CA ASP A 139 -29.43 -11.11 -3.46
C ASP A 139 -27.92 -10.92 -3.60
N HIS A 140 -27.28 -11.73 -4.44
CA HIS A 140 -25.84 -11.74 -4.57
C HIS A 140 -25.33 -10.37 -5.01
N PRO A 141 -24.08 -9.96 -4.65
CA PRO A 141 -23.48 -8.76 -5.19
C PRO A 141 -23.48 -8.83 -6.71
N ASN A 142 -23.63 -7.68 -7.38
CA ASN A 142 -23.98 -7.62 -8.79
C ASN A 142 -23.47 -6.32 -9.43
N VAL A 143 -22.47 -6.43 -10.33
CA VAL A 143 -21.89 -5.31 -11.07
C VAL A 143 -22.97 -4.41 -11.69
N GLN A 144 -23.97 -5.03 -12.31
CA GLN A 144 -24.96 -4.28 -13.06
C GLN A 144 -25.77 -3.44 -12.06
N LYS A 145 -26.11 -3.99 -10.89
CA LYS A 145 -26.90 -3.22 -9.93
C LYS A 145 -26.06 -2.05 -9.41
N ASP A 146 -24.78 -2.32 -9.13
CA ASP A 146 -23.81 -1.33 -8.67
C ASP A 146 -23.69 -0.20 -9.70
N LEU A 147 -23.42 -0.56 -10.96
CA LEU A 147 -23.26 0.44 -12.01
C LEU A 147 -24.49 1.36 -12.05
N GLU A 148 -25.69 0.79 -11.87
CA GLU A 148 -26.91 1.57 -11.91
C GLU A 148 -26.96 2.53 -10.72
N ARG A 149 -26.58 2.03 -9.53
CA ARG A 149 -26.54 2.84 -8.32
C ARG A 149 -25.58 4.01 -8.49
N LEU A 150 -24.41 3.74 -9.10
CA LEU A 150 -23.39 4.76 -9.21
C LEU A 150 -23.85 5.82 -10.22
N THR A 151 -24.44 5.38 -11.34
CA THR A 151 -24.99 6.24 -12.38
C THR A 151 -25.88 7.31 -11.74
N GLN A 152 -26.71 6.93 -10.75
CA GLN A 152 -27.64 7.83 -10.09
C GLN A 152 -26.93 8.78 -9.12
N GLU A 153 -25.85 8.34 -8.49
CA GLU A 153 -25.06 9.18 -7.60
C GLU A 153 -24.42 10.33 -8.41
N ARG A 154 -23.72 10.04 -9.52
CA ARG A 154 -23.17 11.08 -10.40
C ARG A 154 -24.26 12.07 -10.80
N ILE A 155 -25.35 11.55 -11.40
CA ILE A 155 -26.48 12.36 -11.84
C ILE A 155 -26.94 13.31 -10.73
N ALA A 156 -27.08 12.81 -9.49
CA ALA A 156 -27.68 13.59 -8.41
C ALA A 156 -26.69 14.59 -7.82
N HIS A 157 -25.38 14.42 -8.11
CA HIS A 157 -24.38 15.46 -7.88
C HIS A 157 -24.40 16.44 -9.05
N GLN A 158 -25.56 17.12 -9.24
CA GLN A 158 -25.81 18.10 -10.30
C GLN A 158 -24.81 17.94 -11.45
N MET B 1 -13.64 6.40 27.44
CA MET B 1 -14.59 5.26 27.40
C MET B 1 -15.30 5.14 28.75
N MET B 2 -16.63 5.19 28.71
CA MET B 2 -17.48 4.54 29.70
C MET B 2 -18.06 3.28 29.05
N TYR B 3 -18.58 2.35 29.87
CA TYR B 3 -18.74 0.95 29.47
C TYR B 3 -20.21 0.53 29.54
N VAL B 4 -20.54 -0.59 28.86
CA VAL B 4 -21.85 -1.22 28.98
C VAL B 4 -21.66 -2.73 29.09
N LYS B 5 -22.70 -3.40 29.59
CA LYS B 5 -22.68 -4.83 29.86
C LYS B 5 -23.70 -5.55 29.00
N LEU B 6 -23.27 -6.62 28.32
CA LEU B 6 -24.16 -7.37 27.45
C LEU B 6 -24.17 -8.83 27.89
N ILE B 7 -25.29 -9.32 28.45
CA ILE B 7 -25.34 -10.68 28.96
C ILE B 7 -25.91 -11.64 27.90
N SER B 8 -25.16 -12.69 27.55
CA SER B 8 -25.62 -13.72 26.64
C SER B 8 -26.72 -14.57 27.29
N SER B 9 -27.32 -15.48 26.53
CA SER B 9 -28.38 -16.34 27.05
C SER B 9 -27.80 -17.26 28.11
N ASP B 10 -26.62 -17.85 27.83
CA ASP B 10 -25.96 -18.79 28.75
C ASP B 10 -25.36 -18.04 29.94
N GLY B 11 -25.37 -16.71 29.92
CA GLY B 11 -25.20 -15.92 31.14
C GLY B 11 -23.83 -15.27 31.28
N HIS B 12 -23.04 -15.28 30.19
CA HIS B 12 -21.75 -14.61 30.14
C HIS B 12 -22.01 -13.11 30.06
N GLU B 13 -21.26 -12.33 30.86
CA GLU B 13 -21.34 -10.88 30.85
C GLU B 13 -20.19 -10.31 30.03
N PHE B 14 -20.52 -9.52 29.00
CA PHE B 14 -19.56 -8.85 28.13
C PHE B 14 -19.57 -7.34 28.40
N ILE B 15 -18.43 -6.80 28.82
CA ILE B 15 -18.31 -5.39 29.13
C ILE B 15 -17.46 -4.69 28.07
N VAL B 16 -18.07 -3.73 27.36
CA VAL B 16 -17.43 -3.13 26.21
C VAL B 16 -17.68 -1.64 26.21
N LYS B 17 -16.72 -0.91 25.61
CA LYS B 17 -16.82 0.53 25.43
C LYS B 17 -18.18 0.80 24.77
N ARG B 18 -18.98 1.66 25.42
CA ARG B 18 -20.32 2.02 24.97
C ARG B 18 -20.27 2.47 23.51
N GLU B 19 -19.29 3.31 23.19
CA GLU B 19 -19.09 3.79 21.84
C GLU B 19 -19.08 2.59 20.89
N HIS B 20 -18.45 1.48 21.29
CA HIS B 20 -18.34 0.32 20.41
C HIS B 20 -19.68 -0.37 20.19
N ALA B 21 -20.46 -0.47 21.28
CA ALA B 21 -21.74 -1.14 21.22
C ALA B 21 -22.72 -0.40 20.32
N LEU B 22 -22.59 0.93 20.23
CA LEU B 22 -23.48 1.77 19.44
C LEU B 22 -23.40 1.45 17.95
N THR B 23 -22.36 0.69 17.56
CA THR B 23 -22.26 0.07 16.25
C THR B 23 -23.56 -0.64 15.87
N SER B 24 -24.19 -1.30 16.84
CA SER B 24 -25.51 -1.90 16.70
C SER B 24 -26.59 -0.82 16.81
N GLY B 25 -27.39 -0.72 15.75
CA GLY B 25 -28.59 0.10 15.75
C GLY B 25 -29.54 -0.35 16.85
N THR B 26 -29.68 -1.66 16.99
CA THR B 26 -30.66 -2.24 17.90
C THR B 26 -30.32 -1.88 19.34
N ILE B 27 -29.04 -2.02 19.69
CA ILE B 27 -28.57 -1.58 20.99
C ILE B 27 -28.73 -0.06 21.11
N LYS B 28 -28.41 0.70 20.05
CA LYS B 28 -28.45 2.16 20.12
C LYS B 28 -29.85 2.56 20.58
N ALA B 29 -30.87 1.90 20.02
CA ALA B 29 -32.25 2.20 20.36
C ALA B 29 -32.56 1.76 21.80
N MET B 30 -32.02 0.58 22.17
CA MET B 30 -32.25 -0.05 23.47
C MET B 30 -31.67 0.80 24.60
N LEU B 31 -30.78 1.76 24.30
CA LEU B 31 -30.21 2.63 25.31
C LEU B 31 -30.91 3.99 25.29
N SER B 32 -32.25 3.94 25.44
CA SER B 32 -33.15 5.09 25.42
C SER B 32 -33.84 5.23 26.79
N ASN B 43 -27.46 0.88 30.83
CA ASN B 43 -26.04 0.42 30.99
C ASN B 43 -25.87 -1.08 30.73
N GLU B 44 -26.90 -1.87 31.03
CA GLU B 44 -26.89 -3.32 30.89
C GLU B 44 -27.98 -3.76 29.91
N VAL B 45 -27.69 -4.79 29.11
CA VAL B 45 -28.60 -5.30 28.10
C VAL B 45 -28.54 -6.84 28.14
N ASN B 46 -29.72 -7.49 28.16
CA ASN B 46 -29.78 -8.94 28.17
C ASN B 46 -30.31 -9.47 26.83
N PHE B 47 -29.56 -10.39 26.18
CA PHE B 47 -30.01 -11.05 24.95
C PHE B 47 -30.37 -12.51 25.26
N ARG B 48 -31.67 -12.76 25.50
CA ARG B 48 -32.12 -14.05 25.99
C ARG B 48 -31.97 -15.13 24.92
N GLU B 49 -31.67 -14.75 23.67
CA GLU B 49 -31.67 -15.71 22.57
C GLU B 49 -30.33 -15.71 21.85
N ILE B 50 -29.30 -15.05 22.40
CA ILE B 50 -27.97 -15.13 21.80
C ILE B 50 -26.98 -15.73 22.78
N PRO B 51 -26.32 -16.84 22.41
CA PRO B 51 -25.35 -17.48 23.29
C PRO B 51 -23.96 -16.88 23.16
N SER B 52 -23.08 -17.24 24.08
CA SER B 52 -21.79 -16.59 24.25
C SER B 52 -20.87 -16.86 23.05
N HIS B 53 -20.95 -18.01 22.38
CA HIS B 53 -20.03 -18.26 21.27
C HIS B 53 -20.34 -17.36 20.09
N VAL B 54 -21.54 -16.75 20.15
CA VAL B 54 -22.02 -15.79 19.18
C VAL B 54 -21.83 -14.37 19.70
N LEU B 55 -22.21 -14.11 20.95
CA LEU B 55 -22.23 -12.73 21.41
C LEU B 55 -20.79 -12.25 21.59
N SER B 56 -19.89 -13.17 21.94
CA SER B 56 -18.46 -12.91 22.03
C SER B 56 -17.94 -12.42 20.68
N LYS B 57 -18.44 -13.02 19.62
CA LYS B 57 -17.97 -12.74 18.28
C LYS B 57 -18.54 -11.39 17.79
N VAL B 58 -19.72 -11.03 18.30
CA VAL B 58 -20.31 -9.75 17.96
C VAL B 58 -19.45 -8.64 18.54
N CYS B 59 -19.03 -8.81 19.79
CA CYS B 59 -18.21 -7.83 20.50
C CYS B 59 -16.93 -7.57 19.72
N MET B 60 -16.31 -8.66 19.25
CA MET B 60 -15.10 -8.59 18.45
C MET B 60 -15.34 -7.72 17.22
N TYR B 61 -16.53 -7.81 16.62
CA TYR B 61 -16.84 -7.05 15.42
C TYR B 61 -16.89 -5.56 15.73
N PHE B 62 -17.49 -5.17 16.85
CA PHE B 62 -17.46 -3.78 17.26
C PHE B 62 -16.00 -3.30 17.37
N THR B 63 -15.15 -4.13 18.00
CA THR B 63 -13.74 -3.78 18.12
C THR B 63 -13.16 -3.53 16.72
N TYR B 64 -13.46 -4.45 15.79
CA TYR B 64 -12.97 -4.39 14.42
C TYR B 64 -13.44 -3.13 13.71
N LYS B 65 -14.74 -2.83 13.81
CA LYS B 65 -15.38 -1.77 13.05
C LYS B 65 -14.84 -0.42 13.52
N VAL B 66 -14.96 -0.19 14.83
CA VAL B 66 -14.52 1.07 15.42
C VAL B 66 -13.03 1.28 15.12
N ARG B 67 -12.25 0.20 15.02
CA ARG B 67 -10.82 0.33 14.75
C ARG B 67 -10.56 0.66 13.29
N TYR B 68 -11.24 -0.01 12.37
CA TYR B 68 -10.77 0.01 11.00
C TYR B 68 -11.64 0.85 10.05
N THR B 69 -12.74 1.45 10.51
CA THR B 69 -13.23 2.64 9.83
C THR B 69 -12.09 3.66 9.78
N ASN B 70 -12.01 4.45 8.73
CA ASN B 70 -11.04 5.55 8.72
C ASN B 70 -9.64 5.05 8.36
N SER B 71 -9.36 3.77 8.60
CA SER B 71 -8.18 3.17 8.01
C SER B 71 -8.20 3.45 6.52
N SER B 72 -7.05 3.77 5.92
CA SER B 72 -7.12 4.23 4.55
C SER B 72 -6.20 3.47 3.60
N THR B 73 -5.53 2.43 4.09
CA THR B 73 -4.42 1.81 3.39
C THR B 73 -4.64 0.31 3.22
N GLU B 74 -5.17 -0.34 4.27
CA GLU B 74 -5.28 -1.79 4.36
C GLU B 74 -6.16 -2.16 5.55
N ILE B 75 -7.04 -3.12 5.34
CA ILE B 75 -8.01 -3.62 6.31
C ILE B 75 -7.84 -5.14 6.28
N PRO B 76 -7.83 -5.82 7.43
CA PRO B 76 -7.86 -7.28 7.44
C PRO B 76 -9.29 -7.80 7.39
N GLU B 77 -9.42 -9.08 7.05
CA GLU B 77 -10.71 -9.75 6.99
C GLU B 77 -11.23 -10.02 8.40
N PHE B 78 -12.54 -9.80 8.59
CA PHE B 78 -13.22 -10.25 9.79
C PHE B 78 -13.58 -11.72 9.61
N PRO B 79 -12.91 -12.64 10.31
CA PRO B 79 -13.09 -14.07 10.03
C PRO B 79 -14.32 -14.62 10.76
N ILE B 80 -15.00 -15.56 10.08
CA ILE B 80 -16.11 -16.26 10.71
C ILE B 80 -15.97 -17.75 10.43
N ALA B 81 -16.04 -18.54 11.51
CA ALA B 81 -15.93 -19.98 11.42
C ALA B 81 -17.26 -20.55 10.96
N PRO B 82 -17.21 -21.56 10.08
CA PRO B 82 -18.41 -22.22 9.62
C PRO B 82 -19.45 -22.52 10.71
N GLU B 83 -19.02 -22.97 11.88
CA GLU B 83 -19.94 -23.41 12.92
C GLU B 83 -20.71 -22.23 13.51
N ILE B 84 -20.27 -20.98 13.26
CA ILE B 84 -20.93 -19.84 13.88
C ILE B 84 -21.61 -18.95 12.85
N ALA B 85 -21.29 -19.15 11.56
CA ALA B 85 -21.76 -18.24 10.53
C ALA B 85 -23.27 -18.01 10.66
N LEU B 86 -24.02 -19.11 10.74
CA LEU B 86 -25.46 -19.00 10.61
C LEU B 86 -26.07 -18.28 11.80
N GLU B 87 -25.57 -18.55 13.00
CA GLU B 87 -26.11 -17.89 14.17
C GLU B 87 -25.62 -16.45 14.24
N LEU B 88 -24.44 -16.20 13.66
CA LEU B 88 -23.89 -14.86 13.66
C LEU B 88 -24.74 -14.03 12.72
N LEU B 89 -25.18 -14.65 11.62
CA LEU B 89 -26.03 -13.97 10.65
C LEU B 89 -27.31 -13.53 11.33
N MET B 90 -27.96 -14.45 12.03
CA MET B 90 -29.21 -14.18 12.69
C MET B 90 -29.04 -12.99 13.66
N ALA B 91 -27.93 -12.98 14.39
CA ALA B 91 -27.68 -11.98 15.41
C ALA B 91 -27.40 -10.62 14.78
N ALA B 92 -26.54 -10.61 13.73
CA ALA B 92 -26.24 -9.39 12.99
C ALA B 92 -27.54 -8.74 12.51
N ASN B 93 -28.46 -9.58 12.04
CA ASN B 93 -29.72 -9.13 11.46
C ASN B 93 -30.57 -8.59 12.60
N PHE B 94 -30.57 -9.28 13.74
CA PHE B 94 -31.31 -8.79 14.89
C PHE B 94 -30.71 -7.48 15.38
N LEU B 95 -29.38 -7.37 15.35
CA LEU B 95 -28.69 -6.26 16.00
C LEU B 95 -28.50 -5.08 15.05
N ASP B 96 -28.80 -5.28 13.75
CA ASP B 96 -28.69 -4.23 12.75
C ASP B 96 -27.27 -3.68 12.77
N CYS B 97 -26.32 -4.49 12.31
CA CYS B 97 -24.94 -4.06 12.20
C CYS B 97 -24.17 -5.00 11.26
N MET C 1 2.03 0.02 18.27
CA MET C 1 1.79 -1.43 18.36
C MET C 1 0.67 -1.61 19.38
N ASP C 2 -0.59 -1.44 18.95
CA ASP C 2 -1.75 -1.68 19.81
C ASP C 2 -2.03 -3.17 19.94
N VAL C 3 -2.53 -3.61 21.10
CA VAL C 3 -2.99 -4.97 21.27
C VAL C 3 -4.42 -4.95 21.81
N PHE C 4 -5.19 -5.94 21.36
CA PHE C 4 -6.61 -6.02 21.63
C PHE C 4 -6.86 -7.27 22.46
N LEU C 5 -7.63 -7.10 23.53
CA LEU C 5 -7.65 -8.03 24.63
C LEU C 5 -9.08 -8.40 25.01
N MET C 6 -9.20 -9.65 25.51
CA MET C 6 -10.26 -10.06 26.41
C MET C 6 -9.66 -10.35 27.79
N ILE C 7 -10.16 -9.67 28.82
CA ILE C 7 -9.73 -9.88 30.18
C ILE C 7 -10.84 -10.67 30.87
N ARG C 8 -10.54 -11.92 31.26
CA ARG C 8 -11.57 -12.90 31.55
C ARG C 8 -11.44 -13.48 32.95
N ARG C 9 -12.57 -13.47 33.66
CA ARG C 9 -12.69 -14.10 34.97
C ARG C 9 -14.11 -14.61 35.15
N HIS C 10 -14.23 -15.89 35.56
CA HIS C 10 -15.52 -16.50 35.83
C HIS C 10 -16.37 -16.35 34.56
N LYS C 11 -17.49 -15.61 34.67
CA LYS C 11 -18.40 -15.40 33.54
C LYS C 11 -18.26 -13.96 33.03
N THR C 12 -17.20 -13.24 33.44
CA THR C 12 -16.98 -11.87 33.03
C THR C 12 -15.85 -11.76 32.02
N THR C 13 -16.05 -10.86 31.06
CA THR C 13 -15.19 -10.70 29.88
C THR C 13 -15.17 -9.20 29.48
N ILE C 14 -13.98 -8.59 29.61
CA ILE C 14 -13.81 -7.17 29.28
C ILE C 14 -13.07 -7.06 27.96
N PHE C 15 -13.62 -6.22 27.07
CA PHE C 15 -12.94 -5.92 25.83
C PHE C 15 -12.20 -4.60 26.02
N THR C 16 -10.90 -4.58 25.66
CA THR C 16 -10.14 -3.36 25.75
C THR C 16 -8.87 -3.47 24.91
N ASP C 17 -8.28 -2.32 24.62
CA ASP C 17 -7.03 -2.29 23.90
C ASP C 17 -5.95 -1.73 24.84
N ALA C 18 -4.69 -1.77 24.41
CA ALA C 18 -3.60 -1.11 25.12
C ALA C 18 -2.38 -1.15 24.21
N LYS C 19 -1.26 -0.55 24.66
CA LYS C 19 -0.03 -0.57 23.88
C LYS C 19 0.78 -1.81 24.34
N GLU C 20 1.61 -2.36 23.44
CA GLU C 20 2.59 -3.37 23.86
C GLU C 20 3.50 -2.83 24.96
N SER C 21 3.75 -1.53 24.93
CA SER C 21 4.64 -0.89 25.89
C SER C 21 3.95 -0.64 27.21
N SER C 22 2.61 -0.73 27.28
CA SER C 22 1.91 -0.53 28.54
C SER C 22 2.21 -1.71 29.49
N THR C 23 2.02 -1.48 30.79
CA THR C 23 2.40 -2.45 31.81
C THR C 23 1.18 -3.16 32.39
N VAL C 24 1.43 -4.33 32.96
CA VAL C 24 0.41 -5.14 33.62
C VAL C 24 -0.33 -4.28 34.67
N PHE C 25 0.43 -3.51 35.45
CA PHE C 25 -0.19 -2.56 36.37
C PHE C 25 -1.24 -1.70 35.65
N GLU C 26 -0.87 -1.07 34.51
CA GLU C 26 -1.76 -0.17 33.80
C GLU C 26 -3.08 -0.86 33.47
N LEU C 27 -2.95 -2.15 33.19
CA LEU C 27 -4.07 -2.98 32.76
C LEU C 27 -4.98 -3.25 33.95
N LYS C 28 -4.37 -3.55 35.10
CA LYS C 28 -5.10 -3.75 36.35
C LYS C 28 -5.86 -2.48 36.71
N ARG C 29 -5.32 -1.32 36.34
CA ARG C 29 -5.99 -0.08 36.65
C ARG C 29 -7.28 -0.01 35.85
N ILE C 30 -7.19 -0.44 34.58
CA ILE C 30 -8.36 -0.47 33.72
C ILE C 30 -9.42 -1.37 34.34
N VAL C 31 -8.98 -2.55 34.81
CA VAL C 31 -9.83 -3.46 35.54
C VAL C 31 -10.45 -2.75 36.76
N GLU C 32 -9.61 -2.04 37.54
CA GLU C 32 -10.05 -1.41 38.77
C GLU C 32 -11.22 -0.46 38.51
N GLY C 33 -11.13 0.27 37.39
CA GLY C 33 -12.11 1.30 37.07
C GLY C 33 -13.45 0.70 36.62
N ILE C 34 -13.44 -0.56 36.19
CA ILE C 34 -14.63 -1.22 35.71
C ILE C 34 -15.25 -2.07 36.81
N LEU C 35 -14.46 -2.99 37.41
CA LEU C 35 -14.96 -3.97 38.37
C LEU C 35 -14.69 -3.54 39.81
N LYS C 36 -14.15 -2.32 40.01
CA LYS C 36 -14.16 -1.68 41.32
C LYS C 36 -13.41 -2.54 42.34
N ARG C 37 -12.24 -3.06 41.96
CA ARG C 37 -11.34 -3.73 42.90
C ARG C 37 -9.92 -3.21 42.67
N PRO C 38 -9.15 -2.86 43.73
CA PRO C 38 -7.79 -2.34 43.57
C PRO C 38 -6.73 -3.29 43.00
N PRO C 39 -5.68 -2.78 42.32
CA PRO C 39 -4.64 -3.63 41.71
C PRO C 39 -4.02 -4.68 42.63
N ASP C 40 -3.86 -4.34 43.92
CA ASP C 40 -3.24 -5.24 44.88
C ASP C 40 -4.17 -6.42 45.17
N GLU C 41 -5.45 -6.32 44.77
CA GLU C 41 -6.42 -7.40 44.93
C GLU C 41 -6.59 -8.20 43.61
N GLN C 42 -5.73 -7.99 42.61
CA GLN C 42 -5.86 -8.66 41.31
C GLN C 42 -4.59 -9.41 40.91
N ARG C 43 -4.72 -10.50 40.13
CA ARG C 43 -3.58 -11.14 39.49
C ARG C 43 -3.93 -11.48 38.05
N LEU C 44 -3.04 -11.10 37.12
CA LEU C 44 -3.26 -11.29 35.70
C LEU C 44 -2.36 -12.40 35.17
N TYR C 45 -2.88 -13.13 34.17
CA TYR C 45 -2.29 -14.34 33.65
C TYR C 45 -2.31 -14.37 32.12
N LYS C 46 -1.30 -15.01 31.55
CA LYS C 46 -1.30 -15.33 30.14
C LYS C 46 -1.25 -16.85 29.98
N ASP C 47 -2.43 -17.45 29.82
CA ASP C 47 -2.61 -18.88 29.97
C ASP C 47 -2.49 -19.16 31.45
N ASP C 48 -1.55 -20.01 31.88
CA ASP C 48 -1.48 -20.44 33.27
C ASP C 48 -0.31 -19.75 33.99
N GLN C 49 0.11 -18.56 33.53
CA GLN C 49 1.36 -17.94 33.92
C GLN C 49 1.06 -16.57 34.52
N LEU C 50 1.43 -16.36 35.79
CA LEU C 50 1.22 -15.10 36.49
C LEU C 50 2.11 -14.02 35.87
N LEU C 51 1.66 -12.76 35.90
CA LEU C 51 2.33 -11.67 35.20
C LEU C 51 2.68 -10.57 36.21
N ASP C 52 3.99 -10.24 36.30
CA ASP C 52 4.49 -9.25 37.26
C ASP C 52 3.98 -7.87 36.82
N ASP C 53 3.56 -7.06 37.80
CA ASP C 53 2.97 -5.73 37.59
C ASP C 53 3.82 -4.81 36.73
N GLY C 54 5.15 -4.99 36.75
CA GLY C 54 6.07 -4.09 36.09
C GLY C 54 6.59 -4.60 34.74
N LYS C 55 6.24 -5.82 34.32
CA LYS C 55 6.56 -6.22 32.96
C LYS C 55 5.58 -5.52 32.01
N THR C 56 5.99 -5.35 30.76
CA THR C 56 5.11 -4.82 29.73
C THR C 56 4.35 -5.98 29.08
N LEU C 57 3.14 -5.72 28.61
CA LEU C 57 2.38 -6.68 27.83
C LEU C 57 3.30 -7.23 26.75
N GLY C 58 4.15 -6.35 26.22
CA GLY C 58 5.20 -6.73 25.29
C GLY C 58 6.05 -7.86 25.83
N GLU C 59 6.66 -7.63 27.00
CA GLU C 59 7.57 -8.59 27.59
C GLU C 59 6.81 -9.85 28.04
N CYS C 60 5.51 -9.73 28.33
CA CYS C 60 4.73 -10.88 28.75
C CYS C 60 4.40 -11.81 27.59
N GLY C 61 4.71 -11.41 26.34
CA GLY C 61 4.52 -12.27 25.17
C GLY C 61 3.36 -11.88 24.25
N PHE C 62 2.56 -10.85 24.60
CA PHE C 62 1.48 -10.35 23.78
C PHE C 62 2.02 -9.52 22.63
N THR C 63 1.60 -9.82 21.39
CA THR C 63 1.98 -9.01 20.24
C THR C 63 0.73 -8.58 19.48
N SER C 64 0.80 -7.43 18.82
CA SER C 64 -0.29 -6.99 17.97
C SER C 64 -0.67 -8.05 16.94
N GLN C 65 0.33 -8.67 16.29
CA GLN C 65 0.13 -9.76 15.34
C GLN C 65 -0.71 -10.90 15.93
N THR C 66 -0.73 -11.08 17.27
CA THR C 66 -1.47 -12.16 17.92
C THR C 66 -2.58 -11.63 18.83
N ALA C 67 -2.93 -10.35 18.73
CA ALA C 67 -3.97 -9.82 19.59
C ALA C 67 -4.69 -8.70 18.84
N ARG C 68 -5.45 -9.15 17.83
CA ARG C 68 -6.04 -8.30 16.81
C ARG C 68 -7.48 -7.97 17.21
N PRO C 69 -8.06 -6.87 16.70
CA PRO C 69 -9.39 -6.47 17.11
C PRO C 69 -10.42 -7.58 16.85
N GLN C 70 -10.22 -8.33 15.74
CA GLN C 70 -11.15 -9.36 15.29
C GLN C 70 -10.84 -10.72 15.92
N ALA C 71 -9.73 -10.80 16.67
CA ALA C 71 -9.30 -12.05 17.28
C ALA C 71 -8.40 -11.69 18.45
N PRO C 72 -9.01 -11.13 19.50
CA PRO C 72 -8.25 -10.55 20.60
C PRO C 72 -7.67 -11.66 21.45
N ALA C 73 -6.50 -11.37 22.05
CA ALA C 73 -5.79 -12.26 22.96
C ALA C 73 -6.45 -12.21 24.32
N THR C 74 -6.29 -13.30 25.08
CA THR C 74 -6.99 -13.43 26.34
C THR C 74 -6.02 -13.22 27.50
N VAL C 75 -6.49 -12.46 28.50
CA VAL C 75 -5.76 -12.25 29.72
C VAL C 75 -6.62 -12.76 30.87
N GLY C 76 -6.09 -13.72 31.65
CA GLY C 76 -6.78 -14.29 32.79
C GLY C 76 -6.67 -13.39 34.02
N LEU C 77 -7.78 -13.21 34.74
CA LEU C 77 -7.83 -12.35 35.91
C LEU C 77 -8.32 -13.17 37.09
N ALA C 78 -7.77 -12.93 38.29
CA ALA C 78 -8.27 -13.51 39.53
C ALA C 78 -8.22 -12.47 40.65
N PHE C 79 -9.21 -12.50 41.55
CA PHE C 79 -9.33 -11.57 42.66
C PHE C 79 -8.93 -12.22 43.99
N ARG C 80 -8.50 -11.40 44.96
CA ARG C 80 -8.28 -11.84 46.35
C ARG C 80 -9.60 -11.75 47.10
N ALA C 81 -9.81 -12.64 48.08
CA ALA C 81 -10.90 -12.53 49.04
C ALA C 81 -10.33 -12.73 50.45
N ASP C 82 -10.81 -11.96 51.43
CA ASP C 82 -10.29 -12.00 52.79
C ASP C 82 -8.76 -12.19 52.72
N ASP C 83 -8.22 -13.31 53.21
CA ASP C 83 -6.77 -13.48 53.38
C ASP C 83 -6.10 -14.14 52.17
N THR C 84 -6.87 -14.61 51.18
CA THR C 84 -6.40 -15.61 50.22
C THR C 84 -6.94 -15.35 48.82
N PHE C 85 -6.10 -15.59 47.78
CA PHE C 85 -6.46 -15.40 46.38
C PHE C 85 -7.14 -16.64 45.79
N GLU C 86 -8.25 -16.43 45.06
CA GLU C 86 -8.91 -17.51 44.34
C GLU C 86 -7.99 -18.00 43.22
N ALA C 87 -8.22 -19.23 42.78
CA ALA C 87 -7.49 -19.78 41.66
C ALA C 87 -8.06 -19.18 40.38
N LEU C 88 -7.27 -19.23 39.30
CA LEU C 88 -7.74 -18.74 38.03
C LEU C 88 -8.84 -19.65 37.53
N CYS C 89 -9.98 -19.08 37.13
CA CYS C 89 -11.09 -19.86 36.67
C CYS C 89 -11.87 -19.11 35.58
N ILE C 90 -11.79 -19.57 34.33
CA ILE C 90 -12.50 -18.92 33.24
C ILE C 90 -13.60 -19.85 32.75
N GLU C 91 -14.87 -19.45 32.96
CA GLU C 91 -15.99 -20.19 32.42
C GLU C 91 -15.97 -20.19 30.89
N PRO C 92 -15.92 -21.36 30.21
CA PRO C 92 -15.87 -21.39 28.74
C PRO C 92 -17.14 -20.85 28.10
N PHE C 93 -16.98 -20.34 26.87
CA PHE C 93 -18.12 -20.00 26.04
C PHE C 93 -18.91 -21.25 25.62
N SER C 94 -20.17 -21.01 25.20
CA SER C 94 -21.02 -22.07 24.70
C SER C 94 -20.34 -22.80 23.53
N SER C 95 -20.81 -24.03 23.30
CA SER C 95 -20.35 -24.86 22.20
C SER C 95 -21.33 -24.76 21.02
N PRO C 96 -20.83 -24.44 19.80
CA PRO C 96 -21.72 -24.17 18.68
C PRO C 96 -22.48 -25.45 18.31
N PRO C 97 -23.68 -25.32 17.72
CA PRO C 97 -24.42 -26.46 17.22
C PRO C 97 -23.71 -27.20 16.09
N GLU C 98 -24.22 -28.39 15.80
CA GLU C 98 -23.66 -29.19 14.73
C GLU C 98 -23.83 -28.39 13.46
N LEU C 99 -22.82 -28.44 12.61
CA LEU C 99 -22.89 -27.76 11.33
C LEU C 99 -24.10 -28.33 10.60
N PRO C 100 -25.11 -27.53 10.16
CA PRO C 100 -26.20 -28.07 9.33
C PRO C 100 -25.69 -28.82 8.11
N ASP C 101 -26.48 -29.77 7.59
CA ASP C 101 -25.98 -30.68 6.55
C ASP C 101 -25.53 -29.91 5.31
N VAL C 102 -26.35 -28.95 4.87
CA VAL C 102 -26.04 -28.16 3.69
C VAL C 102 -24.85 -27.23 3.91
N MET C 103 -24.25 -27.17 5.10
CA MET C 103 -23.07 -26.36 5.34
C MET C 103 -21.82 -27.25 5.45
N LYS C 104 -22.02 -28.55 5.66
CA LYS C 104 -20.89 -29.48 5.72
C LYS C 104 -20.22 -29.50 4.34
N GLN D 9 17.60 7.29 -47.84
CA GLN D 9 17.43 6.31 -48.94
C GLN D 9 16.18 5.43 -48.72
N GLY D 10 15.15 5.94 -48.03
CA GLY D 10 14.01 5.15 -47.60
C GLY D 10 12.68 5.61 -48.23
N GLU D 11 11.63 4.79 -48.11
CA GLU D 11 10.40 4.98 -48.87
C GLU D 11 9.34 5.69 -48.03
N ASP D 12 8.81 6.80 -48.54
CA ASP D 12 7.64 7.45 -47.97
C ASP D 12 6.40 6.59 -48.23
N ILE D 13 5.62 6.26 -47.18
CA ILE D 13 4.41 5.46 -47.32
C ILE D 13 3.23 6.18 -46.64
N THR D 14 3.28 7.51 -46.56
CA THR D 14 2.11 8.30 -46.20
C THR D 14 1.24 8.53 -47.44
N SER D 15 -0.05 8.84 -47.20
CA SER D 15 -0.98 9.31 -48.23
C SER D 15 -0.59 10.69 -48.74
N LYS D 16 -0.36 11.63 -47.81
CA LYS D 16 -0.05 13.02 -48.11
C LYS D 16 1.37 13.14 -48.70
N LYS D 17 2.15 12.07 -48.56
CA LYS D 17 3.52 11.94 -49.05
C LYS D 17 4.35 13.09 -48.50
N ASP D 18 4.33 13.21 -47.15
CA ASP D 18 5.05 14.26 -46.42
C ASP D 18 6.28 13.67 -45.74
N ARG D 19 6.68 12.47 -46.13
CA ARG D 19 7.82 11.78 -45.53
C ARG D 19 7.61 11.62 -44.03
N GLY D 20 6.34 11.67 -43.60
CA GLY D 20 6.03 11.61 -42.19
C GLY D 20 6.18 10.20 -41.63
N VAL D 21 6.41 9.21 -42.49
CA VAL D 21 6.68 7.85 -42.09
C VAL D 21 7.55 7.18 -43.16
N LEU D 22 8.87 7.20 -42.97
CA LEU D 22 9.77 6.57 -43.93
C LEU D 22 9.99 5.11 -43.53
N LYS D 23 10.18 4.23 -44.51
CA LYS D 23 10.32 2.79 -44.27
C LYS D 23 11.48 2.22 -45.06
N ILE D 24 12.18 1.25 -44.46
CA ILE D 24 13.20 0.48 -45.15
C ILE D 24 13.07 -0.98 -44.75
N VAL D 25 13.01 -1.90 -45.72
CA VAL D 25 13.01 -3.31 -45.38
C VAL D 25 14.46 -3.71 -45.09
N LYS D 26 14.62 -4.63 -44.13
CA LYS D 26 15.93 -5.07 -43.67
C LYS D 26 16.00 -6.58 -43.83
N ARG D 27 14.94 -7.26 -43.38
CA ARG D 27 14.76 -8.67 -43.67
C ARG D 27 13.44 -8.80 -44.43
N VAL D 28 13.51 -9.29 -45.67
CA VAL D 28 12.37 -9.60 -46.51
C VAL D 28 11.57 -10.75 -45.87
N GLY D 29 10.24 -10.66 -46.00
CA GLY D 29 9.33 -11.61 -45.38
C GLY D 29 9.09 -12.82 -46.28
N ASN D 30 8.07 -13.63 -45.95
CA ASN D 30 7.56 -14.69 -46.79
C ASN D 30 6.10 -14.45 -47.14
N GLY D 31 5.57 -15.24 -48.06
CA GLY D 31 4.16 -15.13 -48.45
C GLY D 31 3.88 -13.80 -49.13
N GLU D 32 2.73 -13.71 -49.82
CA GLU D 32 2.35 -12.48 -50.52
C GLU D 32 1.43 -11.62 -49.61
N GLU D 33 0.81 -12.22 -48.59
CA GLU D 33 -0.26 -11.59 -47.84
C GLU D 33 0.32 -10.54 -46.91
N THR D 34 -0.51 -9.56 -46.54
CA THR D 34 -0.19 -8.58 -45.51
C THR D 34 -1.38 -8.37 -44.58
N PRO D 35 -1.15 -7.82 -43.37
CA PRO D 35 -2.22 -7.65 -42.40
C PRO D 35 -3.21 -6.53 -42.75
N MET D 36 -4.48 -6.84 -42.54
CA MET D 36 -5.59 -6.03 -43.01
C MET D 36 -6.26 -5.42 -41.80
N ILE D 37 -7.16 -4.48 -42.07
CA ILE D 37 -7.84 -3.75 -41.01
C ILE D 37 -8.52 -4.74 -40.08
N GLY D 38 -8.22 -4.62 -38.79
CA GLY D 38 -8.89 -5.39 -37.75
C GLY D 38 -8.17 -6.70 -37.41
N ASP D 39 -7.23 -7.13 -38.25
CA ASP D 39 -6.44 -8.32 -37.96
C ASP D 39 -5.78 -8.14 -36.59
N LYS D 40 -5.50 -9.27 -35.92
CA LYS D 40 -4.77 -9.30 -34.66
C LYS D 40 -3.31 -9.62 -34.95
N VAL D 41 -2.41 -8.66 -34.68
CA VAL D 41 -1.04 -8.69 -35.17
C VAL D 41 -0.07 -8.99 -34.03
N TYR D 42 0.95 -9.78 -34.34
CA TYR D 42 1.99 -10.16 -33.40
C TYR D 42 3.33 -9.66 -33.91
N VAL D 43 4.08 -8.96 -33.05
CA VAL D 43 5.38 -8.43 -33.44
C VAL D 43 6.37 -8.61 -32.28
N HIS D 44 7.66 -8.50 -32.62
CA HIS D 44 8.69 -8.01 -31.72
C HIS D 44 9.14 -6.65 -32.23
N TYR D 45 9.64 -5.78 -31.35
CA TYR D 45 10.02 -4.44 -31.77
C TYR D 45 10.98 -3.81 -30.74
N LYS D 46 12.07 -3.23 -31.25
CA LYS D 46 12.87 -2.24 -30.53
C LYS D 46 12.31 -0.87 -30.93
N GLY D 47 12.37 0.13 -30.03
CA GLY D 47 11.82 1.45 -30.28
C GLY D 47 12.52 2.53 -29.42
N LYS D 48 12.88 3.65 -30.03
CA LYS D 48 13.75 4.64 -29.40
C LYS D 48 13.45 6.00 -29.99
N LEU D 49 13.84 7.08 -29.30
CA LEU D 49 13.78 8.43 -29.87
C LEU D 49 14.91 8.60 -30.89
N SER D 50 14.72 9.55 -31.82
CA SER D 50 15.66 9.77 -32.92
C SER D 50 16.97 10.26 -32.30
N ASN D 51 16.88 11.40 -31.59
CA ASN D 51 18.00 12.03 -30.93
C ASN D 51 18.08 11.48 -29.51
N GLY D 52 18.54 10.22 -29.38
CA GLY D 52 18.36 9.48 -28.13
C GLY D 52 19.04 8.12 -28.13
N LYS D 53 19.21 7.57 -26.93
CA LYS D 53 20.19 6.51 -26.64
C LYS D 53 19.46 5.25 -26.18
N LYS D 54 18.57 5.43 -25.19
CA LYS D 54 17.80 4.33 -24.61
C LYS D 54 16.71 3.87 -25.58
N PHE D 55 16.43 2.56 -25.55
CA PHE D 55 15.42 1.94 -26.37
C PHE D 55 14.41 1.21 -25.48
N ASP D 56 13.20 0.99 -26.01
CA ASP D 56 12.21 0.08 -25.45
C ASP D 56 12.14 -1.16 -26.33
N SER D 57 11.99 -2.37 -25.72
CA SER D 57 12.09 -3.64 -26.41
C SER D 57 11.09 -4.67 -25.86
N SER D 58 10.35 -5.32 -26.77
CA SER D 58 9.48 -6.42 -26.40
C SER D 58 10.31 -7.62 -25.93
N HIS D 59 11.56 -7.73 -26.39
CA HIS D 59 12.41 -8.85 -26.01
C HIS D 59 12.67 -8.81 -24.50
N ASP D 60 12.79 -7.58 -23.97
CA ASP D 60 12.97 -7.36 -22.55
C ASP D 60 11.74 -7.87 -21.81
N ARG D 61 10.54 -7.41 -22.19
CA ARG D 61 9.29 -7.83 -21.57
C ARG D 61 9.09 -9.36 -21.69
N ASN D 62 9.79 -9.99 -22.65
CA ASN D 62 9.83 -11.44 -22.82
C ASN D 62 8.52 -11.96 -23.45
N GLU D 63 7.66 -11.05 -23.93
CA GLU D 63 6.41 -11.40 -24.57
C GLU D 63 6.27 -10.58 -25.87
N PRO D 64 5.80 -11.16 -27.00
CA PRO D 64 5.59 -10.39 -28.22
C PRO D 64 4.53 -9.32 -27.97
N PHE D 65 4.53 -8.29 -28.82
CA PHE D 65 3.61 -7.16 -28.72
C PHE D 65 2.39 -7.46 -29.60
N VAL D 66 1.19 -7.39 -29.01
CA VAL D 66 -0.01 -7.79 -29.71
C VAL D 66 -1.00 -6.63 -29.71
N PHE D 67 -1.50 -6.27 -30.91
CA PHE D 67 -2.50 -5.22 -31.05
C PHE D 67 -3.42 -5.48 -32.25
N SER D 68 -4.56 -4.75 -32.30
CA SER D 68 -5.43 -4.81 -33.46
C SER D 68 -5.07 -3.68 -34.43
N LEU D 69 -4.76 -4.08 -35.66
CA LEU D 69 -4.33 -3.18 -36.72
C LEU D 69 -5.49 -2.33 -37.20
N GLY D 70 -5.17 -1.10 -37.55
CA GLY D 70 -6.11 -0.22 -38.20
C GLY D 70 -7.22 0.28 -37.28
N LYS D 71 -7.14 0.04 -35.97
CA LYS D 71 -8.28 0.33 -35.11
C LYS D 71 -7.87 1.42 -34.10
N GLY D 72 -6.78 2.17 -34.39
CA GLY D 72 -6.38 3.32 -33.58
C GLY D 72 -5.91 2.96 -32.17
N GLN D 73 -5.32 1.76 -32.04
CA GLN D 73 -4.81 1.24 -30.78
C GLN D 73 -3.29 1.40 -30.70
N VAL D 74 -2.68 1.94 -31.76
CA VAL D 74 -1.29 2.37 -31.69
C VAL D 74 -1.17 3.70 -32.43
N ILE D 75 0.01 4.29 -32.45
CA ILE D 75 0.22 5.54 -33.13
C ILE D 75 -0.14 5.41 -34.62
N LYS D 76 -0.53 6.52 -35.28
CA LYS D 76 -0.97 6.49 -36.68
C LYS D 76 0.13 5.82 -37.52
N ALA D 77 1.40 6.08 -37.20
CA ALA D 77 2.53 5.54 -37.96
C ALA D 77 2.50 4.02 -38.04
N TRP D 78 2.12 3.34 -36.95
CA TRP D 78 2.20 1.88 -36.90
C TRP D 78 1.07 1.22 -37.72
N ASP D 79 -0.16 1.75 -37.57
CA ASP D 79 -1.30 1.33 -38.38
C ASP D 79 -0.94 1.38 -39.87
N ILE D 80 -0.12 2.37 -40.26
CA ILE D 80 0.33 2.52 -41.65
C ILE D 80 1.44 1.53 -41.97
N GLY D 81 2.49 1.53 -41.13
CA GLY D 81 3.69 0.79 -41.43
C GLY D 81 3.48 -0.72 -41.41
N VAL D 82 2.87 -1.23 -40.34
CA VAL D 82 2.74 -2.67 -40.12
C VAL D 82 1.90 -3.27 -41.25
N ALA D 83 0.91 -2.50 -41.71
CA ALA D 83 0.00 -2.94 -42.75
C ALA D 83 0.74 -3.20 -44.07
N THR D 84 1.98 -2.71 -44.22
CA THR D 84 2.78 -2.99 -45.41
C THR D 84 3.73 -4.18 -45.23
N MET D 85 3.70 -4.87 -44.09
CA MET D 85 4.76 -5.84 -43.80
C MET D 85 4.29 -7.24 -44.16
N LYS D 86 5.19 -8.06 -44.75
CA LYS D 86 4.84 -9.46 -44.99
C LYS D 86 5.36 -10.29 -43.80
N LYS D 87 4.82 -11.51 -43.64
CA LYS D 87 5.08 -12.32 -42.45
C LYS D 87 6.56 -12.70 -42.39
N GLY D 88 7.22 -12.30 -41.31
CA GLY D 88 8.64 -12.57 -41.14
C GLY D 88 9.52 -11.39 -41.53
N GLU D 89 8.93 -10.38 -42.20
CA GLU D 89 9.63 -9.15 -42.55
C GLU D 89 10.12 -8.45 -41.29
N ILE D 90 11.26 -7.75 -41.42
CA ILE D 90 11.77 -6.80 -40.44
C ILE D 90 11.99 -5.47 -41.16
N ALA D 91 11.51 -4.39 -40.53
CA ALA D 91 11.55 -3.07 -41.15
C ALA D 91 11.96 -2.00 -40.15
N HIS D 92 12.56 -0.92 -40.68
CA HIS D 92 12.83 0.26 -39.89
C HIS D 92 11.81 1.32 -40.30
N LEU D 93 11.27 2.00 -39.30
CA LEU D 93 10.37 3.14 -39.51
C LEU D 93 11.00 4.38 -38.88
N LEU D 94 10.85 5.54 -39.53
CA LEU D 94 11.25 6.80 -38.94
C LEU D 94 10.09 7.79 -39.06
N ILE D 95 9.65 8.29 -37.90
CA ILE D 95 8.33 8.86 -37.77
C ILE D 95 8.43 10.32 -37.29
N LYS D 96 7.66 11.19 -37.96
CA LYS D 96 7.59 12.60 -37.59
C LYS D 96 6.50 12.79 -36.53
N PRO D 97 6.69 13.75 -35.60
CA PRO D 97 5.71 14.03 -34.54
C PRO D 97 4.24 13.97 -34.92
N GLU D 98 3.89 14.51 -36.10
CA GLU D 98 2.50 14.60 -36.53
C GLU D 98 1.88 13.19 -36.53
N TYR D 99 2.68 12.17 -36.92
CA TYR D 99 2.21 10.80 -37.01
C TYR D 99 2.53 9.99 -35.74
N ALA D 100 2.68 10.67 -34.60
CA ALA D 100 2.81 10.00 -33.31
C ALA D 100 2.24 10.88 -32.18
N TYR D 101 3.11 11.46 -31.33
CA TYR D 101 2.61 12.09 -30.12
C TYR D 101 2.41 13.60 -30.31
N GLY D 102 2.81 14.12 -31.47
CA GLY D 102 2.52 15.49 -31.86
C GLY D 102 3.20 16.52 -30.96
N SER D 103 2.54 17.68 -30.82
CA SER D 103 3.08 18.75 -30.00
C SER D 103 3.00 18.35 -28.53
N ALA D 104 1.84 17.80 -28.12
CA ALA D 104 1.61 17.43 -26.72
C ALA D 104 2.70 16.47 -26.21
N GLY D 105 3.08 15.46 -27.00
CA GLY D 105 4.02 14.45 -26.54
C GLY D 105 3.41 13.68 -25.38
N SER D 106 4.11 12.65 -24.89
CA SER D 106 3.55 11.82 -23.82
C SER D 106 4.58 11.58 -22.70
N LEU D 107 4.66 12.54 -21.77
CA LEU D 107 5.44 12.34 -20.57
C LEU D 107 4.95 11.10 -19.83
N PRO D 108 5.86 10.26 -19.29
CA PRO D 108 7.24 10.67 -19.02
C PRO D 108 8.28 10.44 -20.11
N LYS D 109 7.95 9.67 -21.15
CA LYS D 109 9.02 9.11 -21.98
C LYS D 109 8.98 9.65 -23.40
N ILE D 110 7.95 10.40 -23.75
CA ILE D 110 7.92 11.02 -25.06
C ILE D 110 7.90 12.54 -24.91
N PRO D 111 8.96 13.24 -25.36
CA PRO D 111 8.98 14.70 -25.34
C PRO D 111 8.02 15.29 -26.35
N SER D 112 7.92 16.62 -26.33
CA SER D 112 7.14 17.33 -27.31
C SER D 112 7.82 17.17 -28.67
N ASN D 113 7.00 17.05 -29.73
CA ASN D 113 7.47 17.01 -31.10
C ASN D 113 8.66 16.06 -31.29
N ALA D 114 8.53 14.84 -30.76
CA ALA D 114 9.61 13.88 -30.76
C ALA D 114 9.54 13.02 -32.01
N THR D 115 10.69 12.83 -32.64
CA THR D 115 10.82 12.02 -33.83
C THR D 115 11.26 10.63 -33.40
N LEU D 116 10.46 9.60 -33.74
CA LEU D 116 10.66 8.24 -33.22
C LEU D 116 11.31 7.38 -34.31
N PHE D 117 11.97 6.31 -33.89
CA PHE D 117 12.53 5.32 -34.79
C PHE D 117 12.27 3.94 -34.21
N PHE D 118 11.79 3.00 -35.05
CA PHE D 118 11.49 1.64 -34.62
C PHE D 118 12.11 0.63 -35.56
N GLU D 119 12.38 -0.55 -34.99
CA GLU D 119 12.59 -1.77 -35.74
C GLU D 119 11.44 -2.72 -35.43
N ILE D 120 10.80 -3.29 -36.46
CA ILE D 120 9.69 -4.20 -36.23
C ILE D 120 9.88 -5.49 -36.99
N GLU D 121 9.49 -6.59 -36.34
CA GLU D 121 9.48 -7.93 -36.92
C GLU D 121 8.05 -8.46 -36.82
N LEU D 122 7.37 -8.54 -37.97
CA LEU D 122 6.05 -9.11 -37.99
C LEU D 122 6.17 -10.61 -37.78
N LEU D 123 5.58 -11.09 -36.67
CA LEU D 123 5.61 -12.50 -36.35
C LEU D 123 4.47 -13.24 -37.05
N ASP D 124 3.26 -12.69 -36.97
CA ASP D 124 2.06 -13.39 -37.40
C ASP D 124 0.92 -12.38 -37.43
N PHE D 125 -0.15 -12.70 -38.18
CA PHE D 125 -1.38 -11.94 -38.15
C PHE D 125 -2.51 -12.91 -38.46
N LYS D 126 -3.62 -12.82 -37.70
CA LYS D 126 -4.76 -13.72 -37.86
C LYS D 126 -6.04 -12.89 -37.99
N GLY D 127 -7.11 -13.53 -38.45
CA GLY D 127 -8.42 -12.89 -38.63
C GLY D 127 -9.31 -12.89 -37.39
N GLU D 128 -9.86 -11.70 -37.08
CA GLU D 128 -10.74 -11.42 -35.93
C GLU D 128 -11.50 -12.67 -35.47
N PRO E 10 10.89 29.65 -11.20
CA PRO E 10 11.52 28.37 -10.74
C PRO E 10 10.65 27.20 -11.15
N VAL E 11 11.22 26.26 -11.91
CA VAL E 11 10.41 25.24 -12.57
C VAL E 11 9.58 24.47 -11.54
N LEU E 12 10.24 23.89 -10.52
CA LEU E 12 9.61 23.03 -9.53
C LEU E 12 8.97 23.84 -8.42
N ARG E 13 7.66 24.02 -8.48
CA ARG E 13 6.94 24.75 -7.45
C ARG E 13 5.46 24.40 -7.48
N SER E 14 4.75 24.68 -6.38
CA SER E 14 3.30 24.60 -6.36
C SER E 14 2.68 25.71 -7.21
N VAL E 15 1.59 25.35 -7.89
CA VAL E 15 0.66 26.30 -8.51
C VAL E 15 -0.43 26.65 -7.52
N ASN E 16 -0.86 27.89 -7.52
CA ASN E 16 -1.86 28.33 -6.55
C ASN E 16 -3.24 28.10 -7.14
N SER E 17 -3.64 26.83 -7.18
CA SER E 17 -4.81 26.41 -7.93
C SER E 17 -6.10 26.75 -7.20
N ARG E 18 -6.08 26.78 -5.88
CA ARG E 18 -7.30 26.95 -5.10
C ARG E 18 -8.33 25.88 -5.45
N GLU E 19 -7.86 24.70 -5.89
CA GLU E 19 -8.74 23.60 -6.21
C GLU E 19 -8.46 22.44 -5.27
N PRO E 20 -9.27 22.25 -4.20
CA PRO E 20 -9.02 21.20 -3.21
C PRO E 20 -8.97 19.82 -3.85
N SER E 21 -8.19 18.96 -3.22
CA SER E 21 -7.89 17.62 -3.70
C SER E 21 -7.54 16.76 -2.49
N GLN E 22 -8.29 15.65 -2.29
CA GLN E 22 -8.07 14.75 -1.16
C GLN E 22 -6.97 13.76 -1.52
N VAL E 23 -5.91 13.77 -0.72
CA VAL E 23 -4.80 12.87 -0.90
C VAL E 23 -4.77 11.90 0.30
N ILE E 24 -4.36 10.67 0.02
CA ILE E 24 -4.03 9.72 1.06
C ILE E 24 -2.51 9.52 1.05
N PHE E 25 -1.86 9.95 2.14
CA PHE E 25 -0.47 9.63 2.38
C PHE E 25 -0.41 8.27 3.07
N CYS E 26 0.31 7.35 2.42
CA CYS E 26 0.49 5.98 2.89
C CYS E 26 1.98 5.69 3.00
N ASN E 27 2.43 5.48 4.23
CA ASN E 27 3.85 5.29 4.49
C ASN E 27 4.14 3.80 4.50
N ARG E 28 4.58 3.28 3.35
CA ARG E 28 4.86 1.88 3.20
C ARG E 28 6.38 1.76 3.16
N SER E 29 7.05 2.54 4.03
CA SER E 29 8.50 2.45 4.25
C SER E 29 8.75 2.13 5.71
N PRO E 30 9.94 1.62 6.07
CA PRO E 30 10.27 1.43 7.49
C PRO E 30 10.71 2.74 8.16
N ARG E 31 10.94 3.81 7.38
CA ARG E 31 11.40 5.06 7.94
C ARG E 31 10.23 5.88 8.48
N VAL E 32 10.55 6.79 9.40
CA VAL E 32 9.67 7.91 9.67
C VAL E 32 9.79 8.88 8.50
N VAL E 33 8.64 9.25 7.92
CA VAL E 33 8.65 10.03 6.69
C VAL E 33 8.31 11.48 7.00
N LEU E 34 9.13 12.40 6.45
CA LEU E 34 8.84 13.83 6.42
C LEU E 34 8.30 14.19 5.05
N PRO E 35 7.01 14.59 4.96
CA PRO E 35 6.46 15.14 3.74
C PRO E 35 6.88 16.59 3.61
N VAL E 36 7.33 16.93 2.41
CA VAL E 36 7.89 18.25 2.14
C VAL E 36 7.08 18.88 1.03
N TRP E 37 6.47 20.03 1.35
CA TRP E 37 5.60 20.76 0.43
C TRP E 37 6.38 21.91 -0.20
N LEU E 38 6.57 21.87 -1.52
CA LEU E 38 7.15 23.02 -2.20
C LEU E 38 6.09 24.11 -2.34
N ASN E 39 6.39 25.32 -1.86
CA ASN E 39 5.37 26.37 -1.86
C ASN E 39 5.40 27.11 -3.19
N PHE E 40 4.80 28.31 -3.23
CA PHE E 40 4.49 28.92 -4.49
C PHE E 40 5.73 29.57 -5.08
N ASP E 41 6.78 29.72 -4.25
CA ASP E 41 8.08 30.24 -4.67
C ASP E 41 9.07 29.10 -4.82
N GLY E 42 8.60 27.85 -4.69
CA GLY E 42 9.45 26.68 -4.87
C GLY E 42 10.33 26.40 -3.66
N GLU E 43 10.01 27.00 -2.52
CA GLU E 43 10.80 26.85 -1.30
C GLU E 43 10.19 25.74 -0.44
N PRO E 44 10.95 24.70 -0.02
CA PRO E 44 10.41 23.57 0.75
C PRO E 44 9.92 23.88 2.16
N GLN E 45 8.77 23.30 2.53
CA GLN E 45 8.14 23.48 3.83
C GLN E 45 7.86 22.13 4.47
N PRO E 46 8.28 21.86 5.72
CA PRO E 46 8.08 20.54 6.33
C PRO E 46 6.65 20.42 6.84
N TYR E 47 6.10 19.21 6.77
CA TYR E 47 4.75 18.91 7.25
C TYR E 47 4.87 17.82 8.31
N PRO E 48 3.82 17.58 9.15
CA PRO E 48 3.87 16.53 10.18
C PRO E 48 4.36 15.22 9.61
N THR E 49 5.08 14.43 10.42
CA THR E 49 5.70 13.21 9.94
C THR E 49 4.72 12.04 10.03
N LEU E 50 5.06 10.97 9.31
CA LEU E 50 4.24 9.78 9.25
C LEU E 50 5.05 8.60 9.81
N PRO E 51 4.54 7.93 10.87
CA PRO E 51 5.12 6.67 11.33
C PRO E 51 5.14 5.63 10.22
N PRO E 52 6.03 4.63 10.26
CA PRO E 52 5.98 3.56 9.26
C PRO E 52 4.62 2.90 9.39
N GLY E 53 4.06 2.48 8.26
CA GLY E 53 2.80 1.75 8.23
C GLY E 53 1.58 2.66 8.29
N THR E 54 1.78 3.94 8.46
CA THR E 54 0.67 4.82 8.76
C THR E 54 0.10 5.33 7.44
N GLY E 55 -1.22 5.50 7.46
CA GLY E 55 -1.91 6.20 6.41
C GLY E 55 -2.84 7.26 6.98
N ARG E 56 -2.85 8.41 6.29
CA ARG E 56 -3.70 9.54 6.61
C ARG E 56 -4.27 10.18 5.35
N ARG E 57 -5.53 10.56 5.46
CA ARG E 57 -6.15 11.43 4.50
C ARG E 57 -5.70 12.84 4.82
N ILE E 58 -5.11 13.54 3.83
CA ILE E 58 -4.63 14.91 4.02
C ILE E 58 -5.27 15.86 3.01
N HIS E 59 -5.35 17.12 3.39
CA HIS E 59 -5.96 18.15 2.55
C HIS E 59 -4.87 18.84 1.72
N SER E 60 -5.04 18.83 0.40
CA SER E 60 -4.10 19.49 -0.48
C SER E 60 -4.88 20.05 -1.68
N TYR E 61 -4.17 20.37 -2.76
CA TYR E 61 -4.77 21.07 -3.89
C TYR E 61 -4.11 20.63 -5.20
N ARG E 62 -4.86 20.77 -6.30
CA ARG E 62 -4.35 20.40 -7.59
C ARG E 62 -3.08 21.19 -7.89
N GLY E 63 -2.05 20.47 -8.35
CA GLY E 63 -0.84 21.10 -8.85
C GLY E 63 0.12 21.54 -7.75
N HIS E 64 -0.18 21.14 -6.51
CA HIS E 64 0.70 21.31 -5.36
C HIS E 64 1.73 20.18 -5.34
N LEU E 65 3.01 20.57 -5.37
CA LEU E 65 4.08 19.64 -5.61
C LEU E 65 4.62 19.19 -4.24
N TRP E 66 4.80 17.86 -4.08
CA TRP E 66 5.41 17.33 -2.87
C TRP E 66 6.58 16.43 -3.19
N LEU E 67 7.45 16.25 -2.18
CA LEU E 67 8.41 15.15 -2.14
C LEU E 67 8.48 14.65 -0.70
N PHE E 68 9.07 13.46 -0.49
CA PHE E 68 9.04 12.83 0.83
C PHE E 68 10.42 12.33 1.23
N ARG E 69 10.76 12.48 2.52
CA ARG E 69 12.11 12.15 2.99
C ARG E 69 12.09 11.51 4.37
N ASP E 70 13.21 10.84 4.67
CA ASP E 70 13.50 10.36 6.01
C ASP E 70 13.56 11.54 6.94
N ALA E 71 12.68 11.55 7.95
CA ALA E 71 12.55 12.69 8.84
C ALA E 71 13.86 12.98 9.60
N GLY E 72 14.74 11.98 9.70
CA GLY E 72 15.96 12.13 10.47
C GLY E 72 17.17 12.37 9.58
N THR E 73 17.34 11.56 8.54
CA THR E 73 18.57 11.55 7.77
C THR E 73 18.42 12.37 6.48
N HIS E 74 17.17 12.73 6.13
CA HIS E 74 16.82 13.39 4.89
C HIS E 74 17.21 12.55 3.69
N ASP E 75 17.43 11.24 3.88
CA ASP E 75 17.47 10.34 2.75
C ASP E 75 16.23 10.53 1.89
N GLY E 76 16.38 10.40 0.57
CA GLY E 76 15.25 10.56 -0.32
C GLY E 76 14.40 9.28 -0.43
N LEU E 77 13.08 9.46 -0.53
CA LEU E 77 12.18 8.34 -0.67
C LEU E 77 11.45 8.48 -2.00
N LEU E 78 10.68 7.46 -2.37
CA LEU E 78 9.89 7.50 -3.58
C LEU E 78 8.41 7.61 -3.25
N VAL E 79 7.66 8.10 -4.23
CA VAL E 79 6.23 8.13 -4.10
C VAL E 79 5.63 7.75 -5.46
N ASN E 80 4.93 6.59 -5.50
CA ASN E 80 4.38 6.05 -6.72
C ASN E 80 5.53 5.91 -7.71
N GLN E 81 6.62 5.36 -7.15
CA GLN E 81 7.80 4.96 -7.90
C GLN E 81 8.50 6.14 -8.56
N THR E 82 8.34 7.33 -7.99
CA THR E 82 8.98 8.50 -8.56
C THR E 82 9.30 9.48 -7.44
N GLU E 83 10.02 10.57 -7.76
CA GLU E 83 10.55 11.46 -6.73
C GLU E 83 9.54 12.52 -6.34
N LEU E 84 8.70 12.98 -7.27
CA LEU E 84 7.76 14.06 -7.01
C LEU E 84 6.32 13.55 -7.08
N PHE E 85 5.42 14.24 -6.36
CA PHE E 85 4.00 13.91 -6.39
C PHE E 85 3.21 15.20 -6.56
N VAL E 86 2.26 15.18 -7.52
CA VAL E 86 1.43 16.32 -7.86
C VAL E 86 0.00 15.81 -8.10
N PRO E 87 -0.95 16.13 -7.19
CA PRO E 87 -2.35 15.73 -7.36
C PRO E 87 -2.95 16.35 -8.63
N SER E 88 -3.54 15.51 -9.48
CA SER E 88 -4.51 15.99 -10.46
C SER E 88 -5.94 15.90 -9.89
N LEU E 89 -6.86 16.71 -10.43
CA LEU E 89 -8.25 16.51 -10.10
C LEU E 89 -8.73 15.23 -10.75
N ASN E 90 -9.56 14.51 -10.01
CA ASN E 90 -10.21 13.31 -10.50
C ASN E 90 -11.66 13.68 -10.82
N VAL E 91 -12.31 12.86 -11.65
CA VAL E 91 -13.49 13.27 -12.39
C VAL E 91 -14.67 13.44 -11.42
N ASP E 92 -14.68 12.62 -10.36
CA ASP E 92 -15.75 12.64 -9.38
C ASP E 92 -15.23 12.97 -7.98
N GLY E 93 -13.98 13.42 -7.86
CA GLY E 93 -13.41 13.80 -6.58
C GLY E 93 -12.95 12.60 -5.74
N GLN E 94 -12.70 11.47 -6.40
CA GLN E 94 -12.06 10.33 -5.77
C GLN E 94 -10.75 10.81 -5.14
N PRO E 95 -10.33 10.26 -3.99
CA PRO E 95 -9.00 10.60 -3.46
C PRO E 95 -7.86 10.19 -4.38
N ILE E 96 -6.71 10.86 -4.22
CA ILE E 96 -5.46 10.54 -4.91
C ILE E 96 -4.56 9.85 -3.91
N PHE E 97 -4.01 8.69 -4.27
CA PHE E 97 -3.20 7.91 -3.35
C PHE E 97 -1.72 8.23 -3.57
N ALA E 98 -1.01 8.52 -2.48
CA ALA E 98 0.44 8.70 -2.56
C ALA E 98 1.14 7.56 -1.82
N ASN E 99 1.69 6.59 -2.58
CA ASN E 99 2.29 5.41 -1.99
C ASN E 99 3.80 5.59 -1.78
N ILE E 100 4.21 5.74 -0.50
CA ILE E 100 5.59 6.11 -0.22
C ILE E 100 6.39 4.86 0.13
N THR E 101 7.56 4.71 -0.51
CA THR E 101 8.38 3.54 -0.28
C THR E 101 9.86 3.89 -0.25
N LEU E 102 10.64 2.94 0.27
CA LEU E 102 12.08 2.96 0.12
C LEU E 102 12.36 2.72 -1.33
N PRO E 103 13.40 3.36 -1.86
CA PRO E 103 14.02 2.89 -3.07
C PRO E 103 14.86 1.67 -2.75
N VAL E 104 15.14 0.88 -3.80
CA VAL E 104 16.25 -0.05 -3.81
C VAL E 104 17.54 0.77 -3.91
N TYR E 105 18.10 1.18 -2.76
CA TYR E 105 19.40 1.84 -2.79
C TYR E 105 20.47 0.85 -3.28
N THR E 106 21.52 1.39 -3.89
CA THR E 106 22.69 0.58 -4.20
C THR E 106 23.30 0.17 -2.87
N LEU E 107 24.13 -0.88 -2.92
CA LEU E 107 24.75 -1.30 -1.68
C LEU E 107 25.63 -0.16 -1.16
N LYS E 108 26.41 0.46 -2.05
CA LYS E 108 27.26 1.56 -1.64
C LYS E 108 26.42 2.61 -0.92
N GLU E 109 25.32 3.06 -1.50
CA GLU E 109 24.59 4.13 -0.89
C GLU E 109 24.00 3.66 0.44
N ARG E 110 23.69 2.37 0.52
CA ARG E 110 23.12 1.86 1.75
C ARG E 110 24.17 1.89 2.85
N CYS E 111 25.39 1.48 2.49
CA CYS E 111 26.47 1.41 3.44
C CYS E 111 26.78 2.83 3.93
N LEU E 112 26.75 3.80 3.01
CA LEU E 112 26.98 5.18 3.37
C LEU E 112 25.92 5.63 4.37
N GLN E 113 24.68 5.15 4.19
CA GLN E 113 23.61 5.55 5.11
C GLN E 113 23.94 5.13 6.53
N VAL E 114 24.50 3.92 6.67
CA VAL E 114 24.65 3.28 7.98
C VAL E 114 25.89 3.83 8.71
N VAL E 115 26.99 4.00 7.96
CA VAL E 115 28.22 4.56 8.48
C VAL E 115 27.96 5.98 8.99
N ARG E 116 27.12 6.73 8.26
CA ARG E 116 26.79 8.11 8.62
C ARG E 116 26.07 8.12 9.97
N SER E 117 25.18 7.15 10.18
CA SER E 117 24.43 7.05 11.41
C SER E 117 25.33 6.60 12.57
N LEU E 118 26.49 6.00 12.25
CA LEU E 118 27.35 5.43 13.29
C LEU E 118 28.58 6.30 13.56
N VAL E 119 28.96 7.17 12.62
CA VAL E 119 30.14 8.01 12.80
C VAL E 119 29.71 9.46 12.80
N LYS E 120 30.21 10.24 13.77
CA LYS E 120 29.98 11.68 13.78
C LYS E 120 30.77 12.27 12.60
N PRO E 121 30.27 13.34 11.94
CA PRO E 121 30.84 13.81 10.67
C PRO E 121 32.25 14.38 10.73
N GLU E 122 32.67 14.86 11.89
CA GLU E 122 34.05 15.33 12.03
C GLU E 122 35.01 14.15 12.04
N ASN E 123 34.51 12.91 12.04
CA ASN E 123 35.36 11.75 12.27
C ASN E 123 35.44 10.86 11.03
N TYR E 124 34.68 11.21 9.98
CA TYR E 124 34.76 10.44 8.74
C TYR E 124 36.22 10.26 8.35
N ARG E 125 37.00 11.34 8.51
CA ARG E 125 38.36 11.40 8.00
C ARG E 125 39.28 10.48 8.79
N ARG E 126 38.80 9.96 9.94
CA ARG E 126 39.61 9.11 10.78
C ARG E 126 39.33 7.64 10.49
N LEU E 127 38.51 7.35 9.49
CA LEU E 127 38.23 5.96 9.13
C LEU E 127 39.35 5.49 8.23
N ASP E 128 39.64 4.19 8.25
CA ASP E 128 40.68 3.66 7.37
C ASP E 128 40.06 3.18 6.05
N ILE E 129 39.68 4.14 5.20
CA ILE E 129 39.10 3.85 3.89
C ILE E 129 39.66 4.87 2.90
N VAL E 130 39.57 4.55 1.59
CA VAL E 130 40.15 5.37 0.54
C VAL E 130 39.50 6.76 0.57
N ARG E 131 40.25 7.77 0.11
CA ARG E 131 39.87 9.17 0.27
C ARG E 131 38.53 9.47 -0.40
N SER E 132 38.29 8.84 -1.55
CA SER E 132 37.05 8.93 -2.31
C SER E 132 35.81 8.80 -1.41
N LEU E 133 35.89 7.88 -0.43
CA LEU E 133 34.73 7.53 0.39
C LEU E 133 34.49 8.60 1.44
N TYR E 134 35.53 9.32 1.89
CA TYR E 134 35.33 10.46 2.78
C TYR E 134 34.44 11.46 2.07
N GLU E 135 34.73 11.72 0.79
CA GLU E 135 33.95 12.68 0.02
C GLU E 135 32.51 12.18 -0.03
N ASP E 136 32.36 10.90 -0.39
CA ASP E 136 31.07 10.24 -0.60
C ASP E 136 30.24 10.31 0.68
N LEU E 137 30.87 9.97 1.82
CA LEU E 137 30.26 10.12 3.14
C LEU E 137 29.76 11.54 3.35
N GLU E 138 30.60 12.53 3.05
CA GLU E 138 30.28 13.94 3.30
C GLU E 138 29.22 14.48 2.34
N ASP E 139 29.01 13.81 1.22
CA ASP E 139 28.00 14.21 0.25
C ASP E 139 26.61 13.80 0.74
N HIS E 140 26.12 14.49 1.78
CA HIS E 140 24.88 14.10 2.46
C HIS E 140 23.64 14.27 1.57
N PRO E 141 22.61 13.41 1.69
CA PRO E 141 21.33 13.69 1.03
C PRO E 141 20.77 15.01 1.54
N ASN E 142 20.04 15.76 0.69
CA ASN E 142 19.95 17.21 0.89
C ASN E 142 18.53 17.74 0.71
N VAL E 143 18.01 17.74 -0.54
CA VAL E 143 16.70 18.32 -0.90
C VAL E 143 16.94 19.46 -1.89
N GLN E 144 17.78 20.42 -1.50
CA GLN E 144 18.18 21.48 -2.40
C GLN E 144 18.97 20.83 -3.54
N LYS E 145 19.84 19.85 -3.23
CA LYS E 145 20.64 19.17 -4.24
C LYS E 145 19.72 18.45 -5.22
N ASP E 146 18.76 17.72 -4.64
CA ASP E 146 17.81 16.92 -5.41
C ASP E 146 16.96 17.81 -6.31
N LEU E 147 16.37 18.88 -5.75
CA LEU E 147 15.56 19.78 -6.57
C LEU E 147 16.37 20.29 -7.77
N GLU E 148 17.67 20.59 -7.56
CA GLU E 148 18.52 21.10 -8.61
C GLU E 148 18.71 20.02 -9.67
N ARG E 149 18.94 18.78 -9.22
CA ARG E 149 19.16 17.66 -10.13
C ARG E 149 17.89 17.44 -10.96
N LEU E 150 16.72 17.53 -10.32
CA LEU E 150 15.47 17.24 -10.99
C LEU E 150 15.19 18.32 -12.04
N THR E 151 15.38 19.58 -11.66
CA THR E 151 15.17 20.71 -12.56
C THR E 151 15.92 20.49 -13.88
N GLN E 152 17.15 19.95 -13.81
CA GLN E 152 17.97 19.69 -14.99
C GLN E 152 17.48 18.47 -15.79
N GLU E 153 16.91 17.45 -15.12
CA GLU E 153 16.38 16.28 -15.80
C GLU E 153 15.16 16.67 -16.68
N ARG E 154 14.19 17.41 -16.11
CA ARG E 154 13.04 17.94 -16.86
C ARG E 154 13.55 18.71 -18.08
N ILE E 155 14.37 19.73 -17.83
CA ILE E 155 14.92 20.57 -18.87
C ILE E 155 15.55 19.75 -19.99
N ALA E 156 16.33 18.72 -19.66
CA ALA E 156 17.10 17.96 -20.65
C ALA E 156 16.22 16.97 -21.41
N HIS E 157 15.01 16.67 -20.88
CA HIS E 157 14.00 15.96 -21.63
C HIS E 157 13.23 16.95 -22.51
N GLN E 158 13.94 17.62 -23.43
CA GLN E 158 13.43 18.67 -24.31
C GLN E 158 12.09 19.23 -23.80
N MET F 1 19.79 -20.49 -14.00
CA MET F 1 20.93 -19.83 -14.69
C MET F 1 22.09 -20.83 -14.77
N MET F 2 23.11 -20.52 -15.59
CA MET F 2 24.48 -20.88 -15.28
C MET F 2 24.83 -20.10 -13.99
N TYR F 3 25.27 -20.84 -12.95
CA TYR F 3 25.73 -20.24 -11.70
C TYR F 3 27.19 -19.76 -11.86
N VAL F 4 27.67 -18.94 -10.91
CA VAL F 4 29.09 -18.60 -10.83
C VAL F 4 29.58 -18.75 -9.39
N LYS F 5 30.91 -18.83 -9.26
CA LYS F 5 31.59 -19.02 -7.99
C LYS F 5 32.42 -17.79 -7.64
N LEU F 6 32.27 -17.32 -6.40
CA LEU F 6 33.01 -16.18 -5.90
C LEU F 6 33.78 -16.59 -4.66
N ILE F 7 35.12 -16.66 -4.72
CA ILE F 7 35.90 -17.06 -3.56
C ILE F 7 36.35 -15.84 -2.77
N SER F 8 36.03 -15.80 -1.47
CA SER F 8 36.50 -14.74 -0.58
C SER F 8 38.01 -14.89 -0.34
N SER F 9 38.59 -13.94 0.41
CA SER F 9 40.02 -13.98 0.70
C SER F 9 40.33 -15.20 1.55
N ASP F 10 39.48 -15.47 2.58
CA ASP F 10 39.68 -16.60 3.47
C ASP F 10 39.42 -17.92 2.77
N GLY F 11 38.80 -17.89 1.58
CA GLY F 11 38.69 -19.06 0.73
C GLY F 11 37.32 -19.75 0.78
N HIS F 12 36.29 -19.06 1.29
CA HIS F 12 34.92 -19.52 1.16
C HIS F 12 34.47 -19.32 -0.29
N GLU F 13 33.80 -20.35 -0.81
CA GLU F 13 33.27 -20.35 -2.16
C GLU F 13 31.78 -20.05 -2.10
N PHE F 14 31.38 -18.97 -2.80
CA PHE F 14 30.00 -18.51 -2.91
C PHE F 14 29.49 -18.81 -4.32
N ILE F 15 28.40 -19.58 -4.40
CA ILE F 15 27.81 -19.96 -5.67
C ILE F 15 26.46 -19.27 -5.81
N VAL F 16 26.37 -18.41 -6.83
CA VAL F 16 25.19 -17.58 -6.98
C VAL F 16 24.81 -17.54 -8.46
N LYS F 17 23.50 -17.37 -8.72
CA LYS F 17 22.99 -17.20 -10.06
C LYS F 17 23.80 -16.08 -10.73
N ARG F 18 24.37 -16.38 -11.91
CA ARG F 18 25.17 -15.43 -12.65
C ARG F 18 24.44 -14.10 -12.79
N GLU F 19 23.16 -14.18 -13.19
CA GLU F 19 22.31 -13.02 -13.31
C GLU F 19 22.43 -12.15 -12.06
N HIS F 20 22.50 -12.77 -10.86
CA HIS F 20 22.54 -12.01 -9.60
C HIS F 20 23.87 -11.27 -9.43
N ALA F 21 24.95 -11.97 -9.79
CA ALA F 21 26.29 -11.42 -9.62
C ALA F 21 26.49 -10.20 -10.51
N LEU F 22 25.81 -10.17 -11.67
CA LEU F 22 25.98 -9.12 -12.66
C LEU F 22 25.48 -7.78 -12.13
N THR F 23 24.76 -7.82 -10.99
CA THR F 23 24.42 -6.63 -10.22
C THR F 23 25.65 -5.76 -9.98
N SER F 24 26.80 -6.42 -9.73
CA SER F 24 28.09 -5.76 -9.62
C SER F 24 28.63 -5.45 -10.99
N GLY F 25 28.89 -4.15 -11.22
CA GLY F 25 29.58 -3.70 -12.41
C GLY F 25 30.95 -4.37 -12.53
N THR F 26 31.67 -4.41 -11.42
CA THR F 26 33.05 -4.87 -11.40
C THR F 26 33.11 -6.34 -11.78
N ILE F 27 32.21 -7.15 -11.21
CA ILE F 27 32.11 -8.54 -11.58
C ILE F 27 31.66 -8.64 -13.03
N LYS F 28 30.69 -7.81 -13.46
CA LYS F 28 30.18 -7.90 -14.83
C LYS F 28 31.35 -7.80 -15.79
N ALA F 29 32.25 -6.85 -15.52
CA ALA F 29 33.41 -6.63 -16.36
C ALA F 29 34.38 -7.81 -16.28
N MET F 30 34.54 -8.36 -15.07
CA MET F 30 35.47 -9.45 -14.78
C MET F 30 35.06 -10.73 -15.52
N LEU F 31 33.79 -10.84 -15.94
CA LEU F 31 33.32 -12.05 -16.60
C LEU F 31 33.21 -11.84 -18.11
N SER F 32 34.16 -11.09 -18.73
CA SER F 32 34.18 -10.76 -20.16
C SER F 32 35.46 -11.27 -20.82
N ASN F 43 33.95 -18.19 -15.05
CA ASN F 43 32.96 -18.85 -14.13
C ASN F 43 33.28 -18.62 -12.65
N GLU F 44 34.59 -18.64 -12.31
CA GLU F 44 35.14 -18.40 -10.97
C GLU F 44 35.81 -17.03 -10.90
N VAL F 45 35.59 -16.31 -9.79
CA VAL F 45 36.23 -15.04 -9.53
C VAL F 45 36.78 -15.04 -8.10
N ASN F 46 38.02 -14.56 -7.91
CA ASN F 46 38.67 -14.55 -6.61
C ASN F 46 38.88 -13.10 -6.14
N PHE F 47 38.42 -12.78 -4.91
CA PHE F 47 38.67 -11.48 -4.30
C PHE F 47 39.64 -11.61 -3.14
N ARG F 48 40.92 -11.35 -3.40
CA ARG F 48 41.98 -11.56 -2.43
C ARG F 48 41.86 -10.59 -1.25
N GLU F 49 40.98 -9.59 -1.32
CA GLU F 49 40.93 -8.54 -0.31
C GLU F 49 39.52 -8.39 0.25
N ILE F 50 38.60 -9.35 -0.01
CA ILE F 50 37.30 -9.33 0.65
C ILE F 50 37.07 -10.63 1.40
N PRO F 51 36.80 -10.59 2.72
CA PRO F 51 36.61 -11.80 3.52
C PRO F 51 35.16 -12.27 3.53
N SER F 52 34.93 -13.46 4.08
CA SER F 52 33.65 -14.14 3.94
C SER F 52 32.53 -13.42 4.70
N HIS F 53 32.81 -12.75 5.82
CA HIS F 53 31.73 -12.11 6.57
C HIS F 53 31.18 -10.92 5.82
N VAL F 54 31.94 -10.50 4.81
CA VAL F 54 31.60 -9.41 3.93
C VAL F 54 31.04 -9.96 2.63
N LEU F 55 31.72 -10.94 2.03
CA LEU F 55 31.33 -11.36 0.69
C LEU F 55 29.99 -12.08 0.77
N SER F 56 29.73 -12.75 1.90
CA SER F 56 28.45 -13.41 2.15
C SER F 56 27.33 -12.41 2.11
N LYS F 57 27.60 -11.22 2.67
CA LYS F 57 26.60 -10.19 2.81
C LYS F 57 26.38 -9.48 1.47
N VAL F 58 27.41 -9.46 0.62
CA VAL F 58 27.28 -8.90 -0.72
C VAL F 58 26.33 -9.76 -1.53
N CYS F 59 26.50 -11.08 -1.42
CA CYS F 59 25.67 -12.04 -2.16
C CYS F 59 24.20 -11.84 -1.78
N MET F 60 23.95 -11.68 -0.47
CA MET F 60 22.61 -11.40 0.02
C MET F 60 22.02 -10.15 -0.64
N TYR F 61 22.85 -9.14 -0.90
CA TYR F 61 22.37 -7.92 -1.54
C TYR F 61 21.92 -8.18 -2.97
N PHE F 62 22.69 -8.98 -3.74
CA PHE F 62 22.26 -9.42 -5.04
C PHE F 62 20.88 -10.07 -4.94
N THR F 63 20.70 -10.97 -3.97
CA THR F 63 19.43 -11.64 -3.80
C THR F 63 18.34 -10.58 -3.59
N TYR F 64 18.61 -9.61 -2.72
CA TYR F 64 17.66 -8.55 -2.38
C TYR F 64 17.30 -7.71 -3.61
N LYS F 65 18.31 -7.32 -4.38
CA LYS F 65 18.14 -6.38 -5.48
C LYS F 65 17.35 -7.06 -6.60
N VAL F 66 17.86 -8.22 -7.02
CA VAL F 66 17.23 -8.99 -8.08
C VAL F 66 15.78 -9.29 -7.72
N ARG F 67 15.47 -9.45 -6.42
CA ARG F 67 14.10 -9.74 -6.04
C ARG F 67 13.23 -8.49 -6.10
N TYR F 68 13.74 -7.37 -5.60
CA TYR F 68 12.82 -6.30 -5.24
C TYR F 68 12.93 -5.08 -6.14
N THR F 69 13.82 -5.06 -7.14
CA THR F 69 13.58 -4.11 -8.23
C THR F 69 12.24 -4.49 -8.84
N ASN F 70 11.51 -3.53 -9.36
CA ASN F 70 10.27 -3.88 -10.06
C ASN F 70 9.14 -4.09 -9.06
N SER F 71 9.43 -4.47 -7.83
CA SER F 71 8.42 -4.38 -6.80
C SER F 71 7.85 -2.97 -6.81
N SER F 72 6.54 -2.81 -6.66
CA SER F 72 5.98 -1.49 -6.91
C SER F 72 5.12 -0.99 -5.77
N THR F 73 5.03 -1.77 -4.70
CA THR F 73 4.09 -1.52 -3.62
C THR F 73 4.81 -1.22 -2.30
N GLU F 74 5.88 -2.00 -2.06
CA GLU F 74 6.60 -1.99 -0.79
C GLU F 74 7.88 -2.82 -0.93
N ILE F 75 8.98 -2.27 -0.41
CA ILE F 75 10.28 -2.90 -0.39
C ILE F 75 10.74 -2.88 1.06
N PRO F 76 11.38 -3.95 1.57
CA PRO F 76 11.93 -3.94 2.92
C PRO F 76 13.36 -3.37 2.94
N GLU F 77 13.82 -3.03 4.15
CA GLU F 77 15.15 -2.45 4.35
C GLU F 77 16.22 -3.53 4.21
N PHE F 78 17.32 -3.20 3.56
CA PHE F 78 18.50 -4.07 3.57
C PHE F 78 19.29 -3.79 4.84
N PRO F 79 19.34 -4.71 5.81
CA PRO F 79 20.00 -4.45 7.09
C PRO F 79 21.50 -4.63 7.01
N ILE F 80 22.23 -3.75 7.71
CA ILE F 80 23.67 -3.87 7.84
C ILE F 80 24.03 -3.69 9.31
N ALA F 81 24.81 -4.64 9.80
CA ALA F 81 25.22 -4.62 11.19
C ALA F 81 26.38 -3.65 11.32
N PRO F 82 26.40 -2.87 12.43
CA PRO F 82 27.54 -1.97 12.67
C PRO F 82 28.91 -2.61 12.42
N GLU F 83 29.08 -3.89 12.79
CA GLU F 83 30.39 -4.53 12.71
C GLU F 83 30.80 -4.76 11.26
N ILE F 84 29.86 -4.62 10.31
CA ILE F 84 30.10 -4.99 8.92
C ILE F 84 30.14 -3.74 8.05
N ALA F 85 29.53 -2.65 8.52
CA ALA F 85 29.24 -1.50 7.67
C ALA F 85 30.50 -1.07 6.93
N LEU F 86 31.60 -0.87 7.65
CA LEU F 86 32.75 -0.19 7.06
C LEU F 86 33.37 -1.04 5.97
N GLU F 87 33.50 -2.34 6.21
CA GLU F 87 34.09 -3.21 5.22
C GLU F 87 33.12 -3.46 4.07
N LEU F 88 31.82 -3.39 4.37
CA LEU F 88 30.82 -3.60 3.35
C LEU F 88 30.85 -2.40 2.40
N LEU F 89 31.11 -1.22 2.97
CA LEU F 89 31.23 0.00 2.18
C LEU F 89 32.40 -0.15 1.22
N MET F 90 33.57 -0.53 1.74
CA MET F 90 34.78 -0.69 0.95
C MET F 90 34.51 -1.63 -0.22
N ALA F 91 33.81 -2.74 0.06
CA ALA F 91 33.53 -3.75 -0.94
C ALA F 91 32.54 -3.25 -2.00
N ALA F 92 31.46 -2.59 -1.55
CA ALA F 92 30.45 -2.02 -2.44
C ALA F 92 31.12 -1.09 -3.45
N ASN F 93 32.07 -0.30 -2.94
CA ASN F 93 32.79 0.69 -3.71
C ASN F 93 33.68 -0.05 -4.70
N PHE F 94 34.32 -1.12 -4.25
CA PHE F 94 35.18 -1.89 -5.12
C PHE F 94 34.33 -2.57 -6.19
N LEU F 95 33.14 -3.02 -5.80
CA LEU F 95 32.35 -3.90 -6.65
C LEU F 95 31.40 -3.09 -7.54
N ASP F 96 31.26 -1.80 -7.24
CA ASP F 96 30.39 -0.92 -8.00
C ASP F 96 28.96 -1.48 -8.00
N CYS F 97 28.31 -1.48 -6.82
CA CYS F 97 26.95 -1.96 -6.72
C CYS F 97 26.27 -1.40 -5.45
N MET G 1 4.53 -19.05 -0.48
CA MET G 1 5.42 -18.07 -1.18
C MET G 1 6.85 -18.63 -1.26
N ASP G 2 7.77 -17.74 -1.69
CA ASP G 2 9.16 -18.10 -1.91
C ASP G 2 9.93 -18.07 -0.60
N VAL G 3 10.96 -18.93 -0.48
CA VAL G 3 11.93 -18.83 0.60
C VAL G 3 13.33 -18.76 0.00
N PHE G 4 14.19 -17.98 0.68
CA PHE G 4 15.52 -17.69 0.21
C PHE G 4 16.51 -18.35 1.17
N LEU G 5 17.50 -19.04 0.58
CA LEU G 5 18.28 -20.05 1.28
C LEU G 5 19.77 -19.84 1.05
N MET G 6 20.54 -20.22 2.07
CA MET G 6 21.95 -20.58 1.94
C MET G 6 22.11 -22.07 2.28
N ILE G 7 22.65 -22.83 1.31
CA ILE G 7 22.87 -24.25 1.49
C ILE G 7 24.36 -24.45 1.72
N ARG G 8 24.74 -24.91 2.92
CA ARG G 8 26.11 -24.75 3.41
C ARG G 8 26.74 -26.09 3.81
N ARG G 9 27.96 -26.30 3.31
CA ARG G 9 28.79 -27.44 3.67
C ARG G 9 30.25 -27.02 3.60
N HIS G 10 31.01 -27.32 4.67
CA HIS G 10 32.42 -26.97 4.73
C HIS G 10 32.55 -25.47 4.41
N LYS G 11 33.24 -25.15 3.29
CA LYS G 11 33.41 -23.77 2.86
C LYS G 11 32.63 -23.51 1.56
N THR G 12 31.59 -24.32 1.31
CA THR G 12 30.71 -24.14 0.17
C THR G 12 29.36 -23.62 0.63
N THR G 13 28.83 -22.63 -0.10
CA THR G 13 27.62 -21.89 0.25
C THR G 13 26.86 -21.50 -1.03
N ILE G 14 25.67 -22.07 -1.20
CA ILE G 14 24.84 -21.84 -2.38
C ILE G 14 23.70 -20.91 -2.02
N PHE G 15 23.51 -19.87 -2.82
CA PHE G 15 22.35 -19.03 -2.70
C PHE G 15 21.31 -19.50 -3.72
N THR G 16 20.08 -19.70 -3.26
CA THR G 16 18.99 -20.03 -4.17
C THR G 16 17.66 -19.81 -3.45
N ASP G 17 16.59 -19.78 -4.25
CA ASP G 17 15.27 -19.67 -3.68
C ASP G 17 14.55 -20.98 -3.94
N ALA G 18 13.36 -21.15 -3.35
CA ALA G 18 12.49 -22.26 -3.64
C ALA G 18 11.11 -21.93 -3.10
N LYS G 19 10.10 -22.75 -3.43
CA LYS G 19 8.75 -22.56 -2.92
C LYS G 19 8.66 -23.28 -1.57
N GLU G 20 7.80 -22.79 -0.67
CA GLU G 20 7.55 -23.51 0.57
C GLU G 20 7.06 -24.93 0.28
N SER G 21 6.32 -25.06 -0.82
CA SER G 21 5.66 -26.31 -1.18
C SER G 21 6.65 -27.29 -1.81
N SER G 22 7.84 -26.80 -2.22
CA SER G 22 8.91 -27.65 -2.75
C SER G 22 9.33 -28.69 -1.69
N THR G 23 9.86 -29.83 -2.16
CA THR G 23 10.26 -30.89 -1.24
C THR G 23 11.78 -30.93 -1.07
N VAL G 24 12.19 -31.49 0.07
CA VAL G 24 13.59 -31.66 0.39
C VAL G 24 14.30 -32.40 -0.76
N PHE G 25 13.66 -33.47 -1.27
CA PHE G 25 14.22 -34.18 -2.41
C PHE G 25 14.51 -33.20 -3.55
N GLU G 26 13.52 -32.37 -3.91
CA GLU G 26 13.62 -31.44 -5.03
C GLU G 26 14.81 -30.51 -4.82
N LEU G 27 15.08 -30.17 -3.56
CA LEU G 27 16.17 -29.30 -3.19
C LEU G 27 17.51 -30.02 -3.38
N LYS G 28 17.58 -31.29 -2.98
CA LYS G 28 18.78 -32.09 -3.18
C LYS G 28 19.07 -32.21 -4.67
N ARG G 29 18.02 -32.19 -5.50
CA ARG G 29 18.21 -32.26 -6.94
C ARG G 29 18.92 -30.99 -7.40
N ILE G 30 18.50 -29.84 -6.83
CA ILE G 30 19.12 -28.57 -7.15
C ILE G 30 20.59 -28.65 -6.74
N VAL G 31 20.87 -29.20 -5.56
CA VAL G 31 22.25 -29.44 -5.12
C VAL G 31 22.96 -30.33 -6.14
N GLU G 32 22.32 -31.41 -6.56
CA GLU G 32 22.95 -32.39 -7.45
C GLU G 32 23.42 -31.72 -8.73
N GLY G 33 22.62 -30.79 -9.25
CA GLY G 33 22.91 -30.13 -10.51
C GLY G 33 24.07 -29.14 -10.43
N ILE G 34 24.34 -28.66 -9.21
CA ILE G 34 25.38 -27.67 -8.99
C ILE G 34 26.68 -28.34 -8.55
N LEU G 35 26.61 -29.19 -7.51
CA LEU G 35 27.79 -29.81 -6.92
C LEU G 35 28.00 -31.22 -7.44
N LYS G 36 27.14 -31.69 -8.34
CA LYS G 36 27.41 -32.89 -9.12
C LYS G 36 27.63 -34.08 -8.17
N ARG G 37 26.76 -34.22 -7.15
CA ARG G 37 26.66 -35.47 -6.37
C ARG G 37 25.17 -35.83 -6.20
N PRO G 38 24.77 -37.12 -6.38
CA PRO G 38 23.35 -37.53 -6.35
C PRO G 38 22.64 -37.45 -5.00
N PRO G 39 21.29 -37.26 -4.98
CA PRO G 39 20.52 -37.13 -3.75
C PRO G 39 20.70 -38.22 -2.69
N ASP G 40 20.95 -39.45 -3.16
CA ASP G 40 21.14 -40.58 -2.26
C ASP G 40 22.47 -40.44 -1.50
N GLU G 41 23.35 -39.54 -1.99
CA GLU G 41 24.63 -39.26 -1.36
C GLU G 41 24.59 -37.93 -0.59
N GLN G 42 23.39 -37.39 -0.34
CA GLN G 42 23.25 -36.12 0.37
C GLN G 42 22.32 -36.24 1.58
N ARG G 43 22.56 -35.40 2.59
CA ARG G 43 21.63 -35.22 3.68
C ARG G 43 21.50 -33.75 3.99
N LEU G 44 20.25 -33.28 4.08
CA LEU G 44 19.99 -31.88 4.35
C LEU G 44 19.43 -31.74 5.77
N TYR G 45 19.78 -30.61 6.38
CA TYR G 45 19.51 -30.36 7.78
C TYR G 45 18.98 -28.93 7.99
N LYS G 46 18.13 -28.79 9.00
CA LYS G 46 17.77 -27.48 9.50
C LYS G 46 18.19 -27.43 10.97
N ASP G 47 19.42 -26.98 11.21
CA ASP G 47 20.01 -26.93 12.53
C ASP G 47 20.09 -28.32 13.16
N ASP G 48 21.04 -29.17 12.77
CA ASP G 48 21.27 -30.38 13.53
C ASP G 48 20.06 -31.35 13.44
N GLN G 49 19.09 -31.07 12.55
CA GLN G 49 17.89 -31.87 12.39
C GLN G 49 17.86 -32.38 10.95
N LEU G 50 17.89 -33.71 10.77
CA LEU G 50 17.88 -34.31 9.44
C LEU G 50 16.49 -34.15 8.84
N LEU G 51 16.40 -34.02 7.50
CA LEU G 51 15.15 -33.64 6.85
C LEU G 51 14.70 -34.74 5.90
N ASP G 52 13.49 -35.28 6.13
CA ASP G 52 12.95 -36.37 5.34
C ASP G 52 12.66 -35.87 3.91
N ASP G 53 13.04 -36.68 2.91
CA ASP G 53 13.05 -36.28 1.51
C ASP G 53 11.69 -35.85 1.00
N GLY G 54 10.61 -36.34 1.61
CA GLY G 54 9.26 -36.10 1.13
C GLY G 54 8.49 -35.05 1.93
N LYS G 55 9.08 -34.51 3.00
CA LYS G 55 8.49 -33.35 3.65
C LYS G 55 8.73 -32.14 2.74
N THR G 56 7.90 -31.11 2.90
CA THR G 56 8.12 -29.84 2.22
C THR G 56 9.02 -28.95 3.07
N LEU G 57 9.81 -28.09 2.42
CA LEU G 57 10.56 -27.03 3.09
C LEU G 57 9.62 -26.34 4.08
N GLY G 58 8.36 -26.16 3.64
CA GLY G 58 7.31 -25.66 4.51
C GLY G 58 7.24 -26.45 5.82
N GLU G 59 7.01 -27.76 5.72
CA GLU G 59 6.84 -28.62 6.88
C GLU G 59 8.15 -28.74 7.67
N CYS G 60 9.30 -28.52 7.04
CA CYS G 60 10.57 -28.58 7.75
C CYS G 60 10.81 -27.32 8.59
N GLY G 61 9.93 -26.32 8.49
CA GLY G 61 9.97 -25.15 9.37
C GLY G 61 10.35 -23.85 8.67
N PHE G 62 10.75 -23.89 7.38
CA PHE G 62 11.17 -22.73 6.63
C PHE G 62 9.97 -21.93 6.17
N THR G 63 9.97 -20.63 6.46
CA THR G 63 8.88 -19.72 6.12
C THR G 63 9.48 -18.54 5.37
N SER G 64 8.73 -17.97 4.43
CA SER G 64 9.16 -16.77 3.75
C SER G 64 9.53 -15.67 4.75
N GLN G 65 8.66 -15.45 5.76
CA GLN G 65 8.88 -14.43 6.78
C GLN G 65 10.20 -14.67 7.53
N THR G 66 10.75 -15.90 7.52
CA THR G 66 12.02 -16.22 8.20
C THR G 66 13.12 -16.64 7.22
N ALA G 67 12.95 -16.39 5.92
CA ALA G 67 13.98 -16.78 4.96
C ALA G 67 13.90 -15.82 3.78
N ARG G 68 14.35 -14.59 4.05
CA ARG G 68 14.15 -13.43 3.19
C ARG G 68 15.38 -13.24 2.31
N PRO G 69 15.23 -12.55 1.15
CA PRO G 69 16.35 -12.36 0.23
C PRO G 69 17.57 -11.75 0.91
N GLN G 70 17.31 -10.80 1.83
CA GLN G 70 18.34 -10.03 2.49
C GLN G 70 18.86 -10.71 3.76
N ALA G 71 18.22 -11.81 4.16
CA ALA G 71 18.54 -12.50 5.40
C ALA G 71 18.06 -13.94 5.23
N PRO G 72 18.74 -14.69 4.34
CA PRO G 72 18.28 -16.02 3.95
C PRO G 72 18.53 -17.02 5.08
N ALA G 73 17.65 -18.02 5.16
CA ALA G 73 17.75 -19.13 6.11
C ALA G 73 18.77 -20.15 5.60
N THR G 74 19.34 -20.89 6.54
CA THR G 74 20.48 -21.74 6.24
C THR G 74 20.02 -23.19 6.27
N VAL G 75 20.52 -23.94 5.29
CA VAL G 75 20.26 -25.36 5.18
C VAL G 75 21.61 -26.06 5.21
N GLY G 76 21.77 -27.00 6.15
CA GLY G 76 23.01 -27.76 6.25
C GLY G 76 23.02 -28.93 5.27
N LEU G 77 24.18 -29.14 4.62
CA LEU G 77 24.35 -30.21 3.66
C LEU G 77 25.54 -31.09 4.07
N ALA G 78 25.42 -32.41 3.88
CA ALA G 78 26.51 -33.35 4.10
C ALA G 78 26.50 -34.42 3.01
N PHE G 79 27.70 -34.86 2.60
CA PHE G 79 27.88 -35.87 1.56
C PHE G 79 28.29 -37.23 2.12
N ARG G 80 27.98 -38.32 1.41
CA ARG G 80 28.36 -39.68 1.77
C ARG G 80 29.77 -39.99 1.27
N ALA G 81 30.52 -40.82 2.03
CA ALA G 81 31.83 -41.32 1.61
C ALA G 81 31.90 -42.83 1.87
N ASP G 82 32.47 -43.58 0.92
CA ASP G 82 32.36 -45.04 0.91
C ASP G 82 30.97 -45.41 1.43
N ASP G 83 30.88 -46.13 2.57
CA ASP G 83 29.64 -46.75 3.02
C ASP G 83 28.84 -45.83 3.96
N THR G 84 29.42 -44.70 4.42
CA THR G 84 28.87 -43.99 5.56
C THR G 84 29.01 -42.47 5.42
N PHE G 85 28.19 -41.75 6.18
CA PHE G 85 28.03 -40.32 5.98
C PHE G 85 28.87 -39.51 6.94
N GLU G 86 29.44 -38.42 6.44
CA GLU G 86 30.13 -37.44 7.28
C GLU G 86 29.12 -36.77 8.21
N ALA G 87 29.62 -36.28 9.35
CA ALA G 87 28.80 -35.46 10.21
C ALA G 87 28.76 -34.05 9.62
N LEU G 88 27.65 -33.37 9.90
CA LEU G 88 27.42 -32.05 9.36
C LEU G 88 28.48 -31.10 9.93
N CYS G 89 29.12 -30.35 9.05
CA CYS G 89 30.13 -29.40 9.46
C CYS G 89 30.16 -28.20 8.51
N ILE G 90 29.71 -27.07 9.03
CA ILE G 90 29.72 -25.80 8.32
C ILE G 90 30.84 -24.96 8.89
N GLU G 91 31.85 -24.65 8.07
CA GLU G 91 32.92 -23.80 8.57
C GLU G 91 32.39 -22.39 8.64
N PRO G 92 32.38 -21.72 9.83
CA PRO G 92 31.81 -20.38 9.92
C PRO G 92 32.57 -19.43 9.01
N PHE G 93 31.90 -18.34 8.61
CA PHE G 93 32.56 -17.28 7.87
C PHE G 93 33.58 -16.57 8.77
N SER G 94 34.46 -15.78 8.15
CA SER G 94 35.37 -14.93 8.88
C SER G 94 34.67 -14.20 10.01
N SER G 95 35.45 -13.74 10.99
CA SER G 95 34.92 -12.96 12.11
C SER G 95 35.12 -11.47 11.86
N PRO G 96 34.08 -10.63 12.05
CA PRO G 96 34.24 -9.19 11.88
C PRO G 96 35.27 -8.65 12.87
N PRO G 97 36.08 -7.64 12.48
CA PRO G 97 36.97 -6.98 13.43
C PRO G 97 36.21 -6.21 14.52
N GLU G 98 36.95 -5.75 15.52
CA GLU G 98 36.37 -4.93 16.55
C GLU G 98 35.84 -3.67 15.88
N LEU G 99 34.69 -3.24 16.37
CA LEU G 99 34.13 -1.98 15.95
C LEU G 99 35.20 -0.90 16.14
N PRO G 100 35.58 -0.10 15.12
CA PRO G 100 36.54 1.00 15.29
C PRO G 100 36.21 1.94 16.43
N ASP G 101 37.23 2.67 16.91
CA ASP G 101 37.10 3.60 18.02
C ASP G 101 36.00 4.63 17.73
N VAL G 102 36.02 5.22 16.52
CA VAL G 102 35.08 6.27 16.15
C VAL G 102 33.65 5.75 15.98
N MET G 103 33.45 4.43 16.07
CA MET G 103 32.12 3.83 15.97
C MET G 103 31.68 3.29 17.34
N LYS G 104 32.65 3.01 18.21
CA LYS G 104 32.36 2.59 19.58
C LYS G 104 31.61 3.73 20.27
N GLY H 10 -31.62 39.47 6.62
CA GLY H 10 -30.17 39.29 6.86
C GLY H 10 -29.36 40.45 6.28
N GLU H 11 -28.19 40.74 6.88
CA GLU H 11 -27.42 41.94 6.57
C GLU H 11 -26.32 41.64 5.55
N ASP H 12 -26.31 42.46 4.50
CA ASP H 12 -25.28 42.44 3.47
C ASP H 12 -23.96 42.96 4.06
N ILE H 13 -22.86 42.22 3.82
CA ILE H 13 -21.53 42.63 4.23
C ILE H 13 -20.57 42.66 3.04
N THR H 14 -21.11 42.74 1.81
CA THR H 14 -20.30 42.68 0.60
C THR H 14 -19.88 44.10 0.22
N SER H 15 -18.83 44.19 -0.63
CA SER H 15 -18.40 45.45 -1.23
C SER H 15 -19.40 45.95 -2.27
N LYS H 16 -19.79 45.06 -3.19
CA LYS H 16 -20.67 45.41 -4.30
C LYS H 16 -22.12 45.58 -3.80
N LYS H 17 -22.36 45.15 -2.55
CA LYS H 17 -23.68 45.17 -1.93
C LYS H 17 -24.67 44.39 -2.80
N ASP H 18 -24.28 43.14 -3.14
CA ASP H 18 -25.04 42.27 -4.03
C ASP H 18 -25.75 41.19 -3.23
N ARG H 19 -25.82 41.36 -1.90
CA ARG H 19 -26.45 40.41 -1.00
C ARG H 19 -25.77 39.05 -1.15
N GLY H 20 -24.54 39.02 -1.67
CA GLY H 20 -23.82 37.79 -1.95
C GLY H 20 -23.35 37.11 -0.68
N VAL H 21 -23.43 37.81 0.45
CA VAL H 21 -23.09 37.22 1.74
C VAL H 21 -23.96 37.86 2.82
N LEU H 22 -25.11 37.24 3.12
CA LEU H 22 -26.01 37.74 4.17
C LEU H 22 -25.59 37.13 5.51
N LYS H 23 -25.72 37.93 6.60
CA LYS H 23 -25.28 37.53 7.92
C LYS H 23 -26.37 37.83 8.96
N ILE H 24 -26.48 36.95 9.95
CA ILE H 24 -27.43 37.05 11.04
C ILE H 24 -26.80 36.48 12.31
N VAL H 25 -26.95 37.19 13.43
CA VAL H 25 -26.38 36.71 14.69
C VAL H 25 -27.32 35.66 15.27
N LYS H 26 -26.78 34.73 16.05
CA LYS H 26 -27.55 33.75 16.80
C LYS H 26 -27.18 33.85 18.28
N ARG H 27 -25.88 33.95 18.57
CA ARG H 27 -25.37 34.24 19.91
C ARG H 27 -24.43 35.44 19.78
N VAL H 28 -24.76 36.53 20.50
CA VAL H 28 -23.96 37.76 20.46
C VAL H 28 -22.63 37.52 21.15
N GLY H 29 -21.57 38.13 20.60
CA GLY H 29 -20.20 37.77 20.93
C GLY H 29 -19.66 38.65 22.04
N ASN H 30 -19.29 38.01 23.17
CA ASN H 30 -18.92 38.69 24.40
C ASN H 30 -17.49 39.23 24.29
N GLY H 31 -17.32 40.29 23.50
CA GLY H 31 -16.07 41.00 23.36
C GLY H 31 -16.15 41.97 22.18
N GLU H 32 -15.64 43.19 22.34
CA GLU H 32 -15.79 44.23 21.33
C GLU H 32 -14.55 44.29 20.44
N GLU H 33 -13.68 43.27 20.49
CA GLU H 33 -12.62 43.13 19.51
C GLU H 33 -13.12 42.21 18.39
N THR H 34 -13.07 42.72 17.15
CA THR H 34 -13.25 41.92 15.95
C THR H 34 -11.87 41.50 15.46
N PRO H 35 -11.64 40.24 14.98
CA PRO H 35 -10.31 39.78 14.64
C PRO H 35 -9.73 40.61 13.49
N MET H 36 -8.41 40.81 13.54
CA MET H 36 -7.73 41.74 12.65
C MET H 36 -7.03 40.91 11.57
N ILE H 37 -6.86 41.48 10.37
CA ILE H 37 -6.48 40.65 9.23
C ILE H 37 -5.13 39.99 9.54
N GLY H 38 -5.04 38.68 9.33
CA GLY H 38 -3.80 37.98 9.58
C GLY H 38 -3.82 37.20 10.89
N ASP H 39 -4.75 37.57 11.81
CA ASP H 39 -4.98 36.81 13.04
C ASP H 39 -5.13 35.32 12.71
N LYS H 40 -4.79 34.47 13.69
CA LYS H 40 -4.98 33.03 13.59
C LYS H 40 -6.28 32.67 14.32
N VAL H 41 -7.29 32.18 13.58
CA VAL H 41 -8.66 32.09 14.07
C VAL H 41 -9.03 30.62 14.36
N TYR H 42 -9.82 30.43 15.43
CA TYR H 42 -10.32 29.13 15.83
C TYR H 42 -11.85 29.14 15.80
N VAL H 43 -12.46 28.13 15.17
CA VAL H 43 -13.91 28.05 15.09
C VAL H 43 -14.39 26.61 15.27
N HIS H 44 -15.67 26.49 15.63
CA HIS H 44 -16.50 25.33 15.30
C HIS H 44 -17.55 25.80 14.29
N TYR H 45 -17.95 24.90 13.39
CA TYR H 45 -18.80 25.30 12.28
C TYR H 45 -19.53 24.06 11.74
N LYS H 46 -20.85 24.19 11.59
CA LYS H 46 -21.65 23.33 10.74
C LYS H 46 -21.69 24.03 9.37
N GLY H 47 -21.78 23.26 8.29
CA GLY H 47 -21.76 23.81 6.95
C GLY H 47 -22.40 22.87 5.93
N LYS H 48 -23.35 23.40 5.15
CA LYS H 48 -24.17 22.60 4.27
C LYS H 48 -24.49 23.42 3.02
N LEU H 49 -25.09 22.75 2.04
CA LEU H 49 -25.60 23.40 0.84
C LEU H 49 -26.94 24.06 1.19
N SER H 50 -27.40 24.99 0.34
CA SER H 50 -28.58 25.82 0.61
C SER H 50 -29.80 24.91 0.83
N ASN H 51 -30.13 24.09 -0.18
CA ASN H 51 -31.06 22.98 -0.03
C ASN H 51 -30.25 21.72 0.25
N GLY H 52 -30.27 21.22 1.50
CA GLY H 52 -29.40 20.12 1.90
C GLY H 52 -29.77 19.55 3.27
N LYS H 53 -29.37 18.29 3.51
CA LYS H 53 -29.76 17.55 4.71
C LYS H 53 -28.52 17.26 5.56
N LYS H 54 -27.50 16.68 4.92
CA LYS H 54 -26.21 16.45 5.55
C LYS H 54 -25.46 17.77 5.69
N PHE H 55 -24.68 17.88 6.78
CA PHE H 55 -23.77 19.00 7.00
C PHE H 55 -22.34 18.46 7.01
N ASP H 56 -21.36 19.36 6.85
CA ASP H 56 -20.00 19.13 7.33
C ASP H 56 -19.83 19.88 8.65
N SER H 57 -19.24 19.21 9.65
CA SER H 57 -19.14 19.73 11.01
C SER H 57 -17.78 19.45 11.61
N SER H 58 -17.17 20.51 12.16
CA SER H 58 -15.94 20.36 12.92
C SER H 58 -16.17 19.55 14.19
N HIS H 59 -17.40 19.59 14.75
CA HIS H 59 -17.73 18.86 15.96
C HIS H 59 -17.51 17.36 15.73
N ASP H 60 -17.90 16.91 14.52
CA ASP H 60 -17.77 15.52 14.12
C ASP H 60 -16.28 15.16 14.10
N ARG H 61 -15.48 15.94 13.36
CA ARG H 61 -14.05 15.70 13.21
C ARG H 61 -13.35 15.77 14.58
N ASN H 62 -13.99 16.41 15.58
CA ASN H 62 -13.52 16.45 16.96
C ASN H 62 -12.34 17.42 17.11
N GLU H 63 -12.03 18.21 16.06
CA GLU H 63 -10.99 19.23 16.12
C GLU H 63 -11.55 20.56 15.62
N PRO H 64 -11.30 21.71 16.32
CA PRO H 64 -11.75 23.01 15.81
C PRO H 64 -11.05 23.33 14.51
N PHE H 65 -11.65 24.23 13.71
CA PHE H 65 -11.13 24.61 12.40
C PHE H 65 -10.25 25.85 12.54
N VAL H 66 -9.01 25.77 12.04
CA VAL H 66 -8.06 26.83 12.27
C VAL H 66 -7.57 27.33 10.91
N PHE H 67 -7.62 28.66 10.71
CA PHE H 67 -7.09 29.28 9.51
C PHE H 67 -6.59 30.69 9.82
N SER H 68 -5.77 31.23 8.90
CA SER H 68 -5.34 32.62 8.99
C SER H 68 -6.28 33.50 8.19
N LEU H 69 -6.83 34.51 8.87
CA LEU H 69 -7.89 35.36 8.33
C LEU H 69 -7.31 36.31 7.29
N GLY H 70 -8.07 36.55 6.21
CA GLY H 70 -7.63 37.45 5.15
C GLY H 70 -6.49 36.95 4.27
N LYS H 71 -5.80 35.85 4.60
CA LYS H 71 -4.67 35.42 3.77
C LYS H 71 -5.17 34.55 2.61
N GLY H 72 -6.48 34.50 2.39
CA GLY H 72 -7.05 33.83 1.22
C GLY H 72 -6.94 32.31 1.27
N GLN H 73 -7.04 31.76 2.50
CA GLN H 73 -6.87 30.34 2.74
C GLN H 73 -8.23 29.63 2.76
N VAL H 74 -9.31 30.39 2.64
CA VAL H 74 -10.65 29.87 2.61
C VAL H 74 -11.42 30.67 1.55
N ILE H 75 -12.67 30.30 1.33
CA ILE H 75 -13.53 30.98 0.36
C ILE H 75 -13.61 32.47 0.71
N LYS H 76 -13.81 33.32 -0.32
CA LYS H 76 -13.84 34.77 -0.15
C LYS H 76 -14.86 35.11 0.95
N ALA H 77 -15.99 34.40 0.97
CA ALA H 77 -17.06 34.66 1.91
C ALA H 77 -16.61 34.60 3.37
N TRP H 78 -15.72 33.65 3.71
CA TRP H 78 -15.32 33.44 5.09
C TRP H 78 -14.39 34.55 5.58
N ASP H 79 -13.38 34.88 4.78
CA ASP H 79 -12.47 35.98 5.06
C ASP H 79 -13.27 37.25 5.35
N ILE H 80 -14.42 37.45 4.69
CA ILE H 80 -15.28 38.61 4.91
C ILE H 80 -16.10 38.43 6.18
N GLY H 81 -16.80 37.31 6.29
CA GLY H 81 -17.74 37.08 7.38
C GLY H 81 -17.08 37.03 8.76
N VAL H 82 -16.05 36.18 8.90
CA VAL H 82 -15.43 35.91 10.18
C VAL H 82 -14.81 37.19 10.74
N ALA H 83 -14.30 38.04 9.83
CA ALA H 83 -13.69 39.31 10.19
C ALA H 83 -14.67 40.25 10.89
N THR H 84 -15.98 40.02 10.77
CA THR H 84 -16.98 40.82 11.46
C THR H 84 -17.42 40.25 12.80
N MET H 85 -16.87 39.11 13.24
CA MET H 85 -17.44 38.39 14.37
C MET H 85 -16.71 38.74 15.66
N LYS H 86 -17.45 38.90 16.76
CA LYS H 86 -16.82 39.19 18.05
C LYS H 86 -16.57 37.85 18.74
N LYS H 87 -15.66 37.85 19.73
CA LYS H 87 -15.15 36.61 20.31
C LYS H 87 -16.28 35.91 21.06
N GLY H 88 -16.60 34.67 20.64
CA GLY H 88 -17.68 33.91 21.26
C GLY H 88 -19.00 34.02 20.50
N GLU H 89 -19.06 34.92 19.51
CA GLU H 89 -20.24 35.08 18.67
C GLU H 89 -20.53 33.78 17.92
N ILE H 90 -21.82 33.55 17.63
CA ILE H 90 -22.26 32.52 16.70
C ILE H 90 -23.12 33.18 15.63
N ALA H 91 -22.87 32.88 14.37
CA ALA H 91 -23.50 33.59 13.26
C ALA H 91 -23.86 32.62 12.13
N HIS H 92 -24.91 32.95 11.39
CA HIS H 92 -25.26 32.25 10.17
C HIS H 92 -24.84 33.12 8.98
N LEU H 93 -24.29 32.47 7.95
CA LEU H 93 -23.90 33.12 6.72
C LEU H 93 -24.58 32.41 5.55
N LEU H 94 -24.88 33.17 4.49
CA LEU H 94 -25.45 32.62 3.27
C LEU H 94 -24.72 33.19 2.06
N ILE H 95 -24.19 32.30 1.21
CA ILE H 95 -23.15 32.65 0.27
C ILE H 95 -23.56 32.32 -1.18
N LYS H 96 -23.30 33.26 -2.10
CA LYS H 96 -23.53 33.06 -3.53
C LYS H 96 -22.33 32.33 -4.15
N PRO H 97 -22.54 31.54 -5.22
CA PRO H 97 -21.43 30.95 -5.99
C PRO H 97 -20.21 31.85 -6.22
N GLU H 98 -20.46 33.11 -6.57
CA GLU H 98 -19.41 34.05 -6.94
C GLU H 98 -18.45 34.21 -5.77
N TYR H 99 -18.97 34.17 -4.55
CA TYR H 99 -18.15 34.35 -3.35
C TYR H 99 -17.73 33.00 -2.76
N ALA H 100 -17.69 31.93 -3.57
CA ALA H 100 -17.33 30.60 -3.08
C ALA H 100 -16.69 29.75 -4.18
N TYR H 101 -17.35 28.67 -4.60
CA TYR H 101 -16.71 27.72 -5.49
C TYR H 101 -17.07 28.00 -6.95
N GLY H 102 -17.96 28.99 -7.19
CA GLY H 102 -18.21 29.49 -8.52
C GLY H 102 -18.80 28.45 -9.47
N SER H 103 -18.46 28.59 -10.76
CA SER H 103 -18.97 27.73 -11.81
C SER H 103 -18.40 26.32 -11.62
N ALA H 104 -17.07 26.23 -11.41
CA ALA H 104 -16.39 24.95 -11.30
C ALA H 104 -16.98 24.09 -10.18
N GLY H 105 -17.23 24.67 -8.99
CA GLY H 105 -17.60 23.87 -7.84
C GLY H 105 -16.49 22.88 -7.48
N SER H 106 -16.67 22.09 -6.43
CA SER H 106 -15.62 21.18 -5.97
C SER H 106 -16.17 19.79 -5.64
N LEU H 107 -16.25 18.94 -6.68
CA LEU H 107 -16.60 17.54 -6.49
C LEU H 107 -15.57 16.91 -5.56
N PRO H 108 -16.00 16.03 -4.62
CA PRO H 108 -17.31 15.39 -4.67
C PRO H 108 -18.48 16.08 -3.97
N LYS H 109 -18.23 17.12 -3.16
CA LYS H 109 -19.23 17.56 -2.21
C LYS H 109 -19.85 18.90 -2.62
N ILE H 110 -19.25 19.60 -3.58
CA ILE H 110 -19.79 20.89 -3.98
C ILE H 110 -20.11 20.85 -5.47
N PRO H 111 -21.40 20.90 -5.84
CA PRO H 111 -21.78 21.04 -7.25
C PRO H 111 -21.46 22.41 -7.80
N SER H 112 -21.76 22.57 -9.09
CA SER H 112 -21.54 23.82 -9.78
C SER H 112 -22.48 24.86 -9.21
N ASN H 113 -22.01 26.11 -9.14
CA ASN H 113 -22.84 27.28 -8.81
C ASN H 113 -23.69 27.02 -7.56
N ALA H 114 -23.05 26.50 -6.51
CA ALA H 114 -23.74 26.11 -5.30
C ALA H 114 -23.84 27.28 -4.34
N THR H 115 -25.03 27.46 -3.76
CA THR H 115 -25.28 28.45 -2.73
C THR H 115 -25.11 27.76 -1.37
N LEU H 116 -24.18 28.28 -0.55
CA LEU H 116 -23.74 27.64 0.69
C LEU H 116 -24.40 28.33 1.88
N PHE H 117 -24.52 27.59 3.00
CA PHE H 117 -24.96 28.14 4.26
C PHE H 117 -24.12 27.55 5.39
N PHE H 118 -23.67 28.42 6.32
CA PHE H 118 -22.86 27.99 7.45
C PHE H 118 -23.40 28.55 8.76
N GLU H 119 -23.10 27.83 9.85
CA GLU H 119 -23.12 28.35 11.20
C GLU H 119 -21.67 28.38 11.67
N ILE H 120 -21.26 29.49 12.29
CA ILE H 120 -19.89 29.60 12.79
C ILE H 120 -19.91 30.11 14.23
N GLU H 121 -19.03 29.51 15.05
CA GLU H 121 -18.81 29.89 16.44
C GLU H 121 -17.34 30.27 16.59
N LEU H 122 -17.08 31.57 16.71
CA LEU H 122 -15.72 32.05 16.89
C LEU H 122 -15.26 31.65 18.28
N LEU H 123 -14.25 30.77 18.34
CA LEU H 123 -13.72 30.28 19.59
C LEU H 123 -12.67 31.24 20.14
N ASP H 124 -11.76 31.68 19.28
CA ASP H 124 -10.60 32.43 19.74
C ASP H 124 -9.95 33.08 18.51
N PHE H 125 -9.17 34.13 18.75
CA PHE H 125 -8.24 34.64 17.75
C PHE H 125 -7.00 35.15 18.47
N LYS H 126 -5.81 34.69 18.03
CA LYS H 126 -4.53 35.17 18.49
C LYS H 126 -3.97 36.19 17.47
N GLY H 127 -3.24 37.19 18.00
CA GLY H 127 -3.05 38.51 17.39
C GLY H 127 -2.31 38.51 16.06
#